data_4IZQ
# 
_entry.id   4IZQ 
# 
_audit_conform.dict_name       mmcif_pdbx.dic 
_audit_conform.dict_version    5.389 
_audit_conform.dict_location   http://mmcif.pdb.org/dictionaries/ascii/mmcif_pdbx.dic 
# 
loop_
_database_2.database_id 
_database_2.database_code 
_database_2.pdbx_database_accession 
_database_2.pdbx_DOI 
PDB   4IZQ         pdb_00004izq 10.2210/pdb4izq/pdb 
NDB   NA2228       ?            ?                   
RCSB  RCSB077413   ?            ?                   
WWPDB D_1000077413 ?            ?                   
# 
loop_
_pdbx_audit_revision_history.ordinal 
_pdbx_audit_revision_history.data_content_type 
_pdbx_audit_revision_history.major_revision 
_pdbx_audit_revision_history.minor_revision 
_pdbx_audit_revision_history.revision_date 
1 'Structure model' 1 0 2014-02-05 
2 'Structure model' 1 1 2024-03-20 
3 'Structure model' 1 2 2024-04-03 
# 
_pdbx_audit_revision_details.ordinal             1 
_pdbx_audit_revision_details.revision_ordinal    1 
_pdbx_audit_revision_details.data_content_type   'Structure model' 
_pdbx_audit_revision_details.provider            repository 
_pdbx_audit_revision_details.type                'Initial release' 
_pdbx_audit_revision_details.description         ? 
_pdbx_audit_revision_details.details             ? 
# 
loop_
_pdbx_audit_revision_group.ordinal 
_pdbx_audit_revision_group.revision_ordinal 
_pdbx_audit_revision_group.data_content_type 
_pdbx_audit_revision_group.group 
1 2 'Structure model' 'Data collection'        
2 2 'Structure model' 'Database references'    
3 3 'Structure model' 'Refinement description' 
# 
loop_
_pdbx_audit_revision_category.ordinal 
_pdbx_audit_revision_category.revision_ordinal 
_pdbx_audit_revision_category.data_content_type 
_pdbx_audit_revision_category.category 
1 2 'Structure model' chem_comp_atom                
2 2 'Structure model' chem_comp_bond                
3 2 'Structure model' database_2                    
4 3 'Structure model' pdbx_initial_refinement_model 
# 
loop_
_pdbx_audit_revision_item.ordinal 
_pdbx_audit_revision_item.revision_ordinal 
_pdbx_audit_revision_item.data_content_type 
_pdbx_audit_revision_item.item 
1 2 'Structure model' '_database_2.pdbx_DOI'                
2 2 'Structure model' '_database_2.pdbx_database_accession' 
# 
_pdbx_database_status.status_code                     REL 
_pdbx_database_status.entry_id                        4IZQ 
_pdbx_database_status.recvd_initial_deposition_date   2013-01-30 
_pdbx_database_status.deposit_site                    RCSB 
_pdbx_database_status.process_site                    PDBJ 
_pdbx_database_status.methods_development_category    ? 
_pdbx_database_status.status_code_sf                  REL 
_pdbx_database_status.status_code_mr                  ? 
_pdbx_database_status.SG_entry                        ? 
_pdbx_database_status.status_code_cs                  ? 
_pdbx_database_status.pdb_format_compatible           Y 
_pdbx_database_status.status_code_nmr_data            ? 
# 
loop_
_audit_author.name 
_audit_author.pdbx_ordinal 
'Hall, J.P.'     1 
'Ruiz-Morte, S.' 2 
'Murray, C.A.'   3 
'Cardin, C.J.'   4 
# 
_citation.id                        primary 
_citation.title                     'GGGCATGCCC in the A-DNA Form' 
_citation.journal_abbrev            'To be Published' 
_citation.journal_volume            ? 
_citation.page_first                ? 
_citation.page_last                 ? 
_citation.year                      ? 
_citation.journal_id_ASTM           ? 
_citation.country                   ? 
_citation.journal_id_ISSN           ? 
_citation.journal_id_CSD            0353 
_citation.book_publisher            ? 
_citation.pdbx_database_id_PubMed   ? 
_citation.pdbx_database_id_DOI      ? 
# 
loop_
_citation_author.citation_id 
_citation_author.name 
_citation_author.ordinal 
_citation_author.identifier_ORCID 
primary 'Hall, J.P.'     1 ? 
primary 'Ruiz-Morte, S.' 2 ? 
primary 'Murray, C.A.'   3 ? 
primary 'Cardin, C.J.'   4 ? 
# 
loop_
_entity.id 
_entity.type 
_entity.src_method 
_entity.pdbx_description 
_entity.formula_weight 
_entity.pdbx_number_of_molecules 
_entity.pdbx_ec 
_entity.pdbx_mutation 
_entity.pdbx_fragment 
_entity.details 
1 polymer syn 
;DNA (5'-D(*GP*GP*GP*CP*AP*TP*GP*CP*CP*C)-3')
;
3045.993 2  ? ? ? ? 
2 water   nat water                                          18.015   22 ? ? ? ? 
# 
_entity_poly.entity_id                      1 
_entity_poly.type                           polydeoxyribonucleotide 
_entity_poly.nstd_linkage                   no 
_entity_poly.nstd_monomer                   no 
_entity_poly.pdbx_seq_one_letter_code       '(DG)(DG)(DG)(DC)(DA)(DT)(DG)(DC)(DC)(DC)' 
_entity_poly.pdbx_seq_one_letter_code_can   GGGCATGCCC 
_entity_poly.pdbx_strand_id                 A,B 
_entity_poly.pdbx_target_identifier         ? 
# 
_pdbx_entity_nonpoly.entity_id   2 
_pdbx_entity_nonpoly.name        water 
_pdbx_entity_nonpoly.comp_id     HOH 
# 
loop_
_entity_poly_seq.entity_id 
_entity_poly_seq.num 
_entity_poly_seq.mon_id 
_entity_poly_seq.hetero 
1 1  DG n 
1 2  DG n 
1 3  DG n 
1 4  DC n 
1 5  DA n 
1 6  DT n 
1 7  DG n 
1 8  DC n 
1 9  DC n 
1 10 DC n 
# 
_pdbx_entity_src_syn.entity_id              1 
_pdbx_entity_src_syn.pdbx_src_id            1 
_pdbx_entity_src_syn.pdbx_alt_source_flag   sample 
_pdbx_entity_src_syn.pdbx_beg_seq_num       ? 
_pdbx_entity_src_syn.pdbx_end_seq_num       ? 
_pdbx_entity_src_syn.organism_scientific    ? 
_pdbx_entity_src_syn.organism_common_name   ? 
_pdbx_entity_src_syn.ncbi_taxonomy_id       ? 
_pdbx_entity_src_syn.details                'Purchased from ATDBio' 
# 
loop_
_chem_comp.id 
_chem_comp.type 
_chem_comp.mon_nstd_flag 
_chem_comp.name 
_chem_comp.pdbx_synonyms 
_chem_comp.formula 
_chem_comp.formula_weight 
DA  'DNA linking' y "2'-DEOXYADENOSINE-5'-MONOPHOSPHATE" ? 'C10 H14 N5 O6 P' 331.222 
DC  'DNA linking' y "2'-DEOXYCYTIDINE-5'-MONOPHOSPHATE"  ? 'C9 H14 N3 O7 P'  307.197 
DG  'DNA linking' y "2'-DEOXYGUANOSINE-5'-MONOPHOSPHATE" ? 'C10 H14 N5 O7 P' 347.221 
DT  'DNA linking' y "THYMIDINE-5'-MONOPHOSPHATE"         ? 'C10 H15 N2 O8 P' 322.208 
HOH non-polymer   . WATER                                ? 'H2 O'            18.015  
# 
loop_
_pdbx_poly_seq_scheme.asym_id 
_pdbx_poly_seq_scheme.entity_id 
_pdbx_poly_seq_scheme.seq_id 
_pdbx_poly_seq_scheme.mon_id 
_pdbx_poly_seq_scheme.ndb_seq_num 
_pdbx_poly_seq_scheme.pdb_seq_num 
_pdbx_poly_seq_scheme.auth_seq_num 
_pdbx_poly_seq_scheme.pdb_mon_id 
_pdbx_poly_seq_scheme.auth_mon_id 
_pdbx_poly_seq_scheme.pdb_strand_id 
_pdbx_poly_seq_scheme.pdb_ins_code 
_pdbx_poly_seq_scheme.hetero 
A 1 1  DG 1  1  1  DG DG A . n 
A 1 2  DG 2  2  2  DG DG A . n 
A 1 3  DG 3  3  3  DG DG A . n 
A 1 4  DC 4  4  4  DC DC A . n 
A 1 5  DA 5  5  5  DA DA A . n 
A 1 6  DT 6  6  6  DT DT A . n 
A 1 7  DG 7  7  7  DG DG A . n 
A 1 8  DC 8  8  8  DC DC A . n 
A 1 9  DC 9  9  9  DC DC A . n 
A 1 10 DC 10 10 10 DC DC A . n 
B 1 1  DG 1  1  1  DG DG B . n 
B 1 2  DG 2  2  2  DG DG B . n 
B 1 3  DG 3  3  3  DG DG B . n 
B 1 4  DC 4  4  4  DC DC B . n 
B 1 5  DA 5  5  5  DA DA B . n 
B 1 6  DT 6  6  6  DT DT B . n 
B 1 7  DG 7  7  7  DG DG B . n 
B 1 8  DC 8  8  8  DC DC B . n 
B 1 9  DC 9  9  9  DC DC B . n 
B 1 10 DC 10 10 10 DC DC B . n 
# 
loop_
_pdbx_nonpoly_scheme.asym_id 
_pdbx_nonpoly_scheme.entity_id 
_pdbx_nonpoly_scheme.mon_id 
_pdbx_nonpoly_scheme.ndb_seq_num 
_pdbx_nonpoly_scheme.pdb_seq_num 
_pdbx_nonpoly_scheme.auth_seq_num 
_pdbx_nonpoly_scheme.pdb_mon_id 
_pdbx_nonpoly_scheme.auth_mon_id 
_pdbx_nonpoly_scheme.pdb_strand_id 
_pdbx_nonpoly_scheme.pdb_ins_code 
C 2 HOH 1  101 2  HOH HOH A . 
C 2 HOH 2  102 9  HOH HOH A . 
C 2 HOH 3  103 10 HOH HOH A . 
C 2 HOH 4  104 11 HOH HOH A . 
C 2 HOH 5  105 12 HOH HOH A . 
C 2 HOH 6  106 13 HOH HOH A . 
C 2 HOH 7  107 14 HOH HOH A . 
C 2 HOH 8  108 15 HOH HOH A . 
C 2 HOH 9  109 16 HOH HOH A . 
C 2 HOH 10 110 17 HOH HOH A . 
C 2 HOH 11 111 18 HOH HOH A . 
C 2 HOH 12 112 20 HOH HOH A . 
D 2 HOH 1  101 5  HOH HOH B . 
D 2 HOH 2  102 1  HOH HOH B . 
D 2 HOH 3  103 3  HOH HOH B . 
D 2 HOH 4  104 4  HOH HOH B . 
D 2 HOH 5  105 6  HOH HOH B . 
D 2 HOH 6  106 7  HOH HOH B . 
D 2 HOH 7  107 8  HOH HOH B . 
D 2 HOH 8  108 19 HOH HOH B . 
D 2 HOH 9  109 21 HOH HOH B . 
D 2 HOH 10 110 22 HOH HOH B . 
# 
loop_
_software.name 
_software.classification 
_software.version 
_software.citation_id 
_software.pdbx_ordinal 
GDA     'data collection' .        ? 1 
PHASER  phasing           .        ? 2 
REFMAC  refinement        5.7.0029 ? 3 
XDS     'data reduction'  .        ? 4 
Aimless 'data scaling'    .        ? 5 
# 
_cell.entry_id           4IZQ 
_cell.length_a           24.820 
_cell.length_b           43.900 
_cell.length_c           46.570 
_cell.angle_alpha        90.00 
_cell.angle_beta         90.00 
_cell.angle_gamma        90.00 
_cell.Z_PDB              8 
_cell.pdbx_unique_axis   ? 
_cell.length_a_esd       ? 
_cell.length_b_esd       ? 
_cell.length_c_esd       ? 
_cell.angle_alpha_esd    ? 
_cell.angle_beta_esd     ? 
_cell.angle_gamma_esd    ? 
# 
_symmetry.entry_id                         4IZQ 
_symmetry.space_group_name_H-M             'P 21 21 21' 
_symmetry.pdbx_full_space_group_name_H-M   ? 
_symmetry.cell_setting                     ? 
_symmetry.Int_Tables_number                19 
_symmetry.space_group_name_Hall            ? 
# 
_exptl.entry_id          4IZQ 
_exptl.method            'X-RAY DIFFRACTION' 
_exptl.crystals_number   1 
# 
_exptl_crystal.id                    1 
_exptl_crystal.density_meas          ? 
_exptl_crystal.density_Matthews      2.08 
_exptl_crystal.density_percent_sol   40.93 
_exptl_crystal.description           ? 
_exptl_crystal.F_000                 ? 
_exptl_crystal.preparation           ? 
# 
_exptl_crystal_grow.crystal_id      1 
_exptl_crystal_grow.method          'VAPOR DIFFUSION, SITTING DROP' 
_exptl_crystal_grow.temp            298 
_exptl_crystal_grow.temp_details    ? 
_exptl_crystal_grow.pH              7.0 
_exptl_crystal_grow.pdbx_details    
;0.1mM 2-phenylpyridine-Pd12-cyanurate, 80mM KCl, 40mM Na-cacodylate, 20mM BaCl2, 12mM spermine, 10%(v/v) 2-methyl-2,4-pentanediol, 1ml 2-methyl-2,4-pentanediol, pH 7.0, VAPOR DIFFUSION, SITTING DROP, temperature 298K
;
_exptl_crystal_grow.pdbx_pH_range   ? 
# 
_diffrn.id                     1 
_diffrn.ambient_temp           100 
_diffrn.ambient_temp_details   ? 
_diffrn.crystal_id             1 
# 
_diffrn_detector.diffrn_id              1 
_diffrn_detector.detector               PIXEL 
_diffrn_detector.type                   'DECTRIS PILATUS 6M' 
_diffrn_detector.pdbx_collection_date   2012-10-13 
_diffrn_detector.details                ? 
# 
_diffrn_radiation.diffrn_id                        1 
_diffrn_radiation.wavelength_id                    1 
_diffrn_radiation.pdbx_monochromatic_or_laue_m_l   M 
_diffrn_radiation.monochromator                    'Si(111) dual crystal' 
_diffrn_radiation.pdbx_diffrn_protocol             'SINGLE WAVELENGTH' 
_diffrn_radiation.pdbx_scattering_type             x-ray 
# 
_diffrn_radiation_wavelength.id           1 
_diffrn_radiation_wavelength.wavelength   1.7712 
_diffrn_radiation_wavelength.wt           1.0 
# 
_diffrn_source.diffrn_id                   1 
_diffrn_source.source                      SYNCHROTRON 
_diffrn_source.type                        'DIAMOND BEAMLINE I02' 
_diffrn_source.pdbx_synchrotron_site       Diamond 
_diffrn_source.pdbx_synchrotron_beamline   I02 
_diffrn_source.pdbx_wavelength             ? 
_diffrn_source.pdbx_wavelength_list        1.7712 
# 
_reflns.entry_id                     4IZQ 
_reflns.observed_criterion_sigma_I   2 
_reflns.observed_criterion_sigma_F   ? 
_reflns.d_resolution_low             31.94 
_reflns.d_resolution_high            2.04 
_reflns.number_obs                   3153 
_reflns.number_all                   3153 
_reflns.percent_possible_obs         90.7 
_reflns.pdbx_Rmerge_I_obs            ? 
_reflns.pdbx_Rsym_value              ? 
_reflns.pdbx_netI_over_sigmaI        ? 
_reflns.B_iso_Wilson_estimate        ? 
_reflns.pdbx_redundancy              ? 
_reflns.R_free_details               ? 
_reflns.limit_h_max                  ? 
_reflns.limit_h_min                  ? 
_reflns.limit_k_max                  ? 
_reflns.limit_k_min                  ? 
_reflns.limit_l_max                  ? 
_reflns.limit_l_min                  ? 
_reflns.observed_criterion_F_max     ? 
_reflns.observed_criterion_F_min     ? 
_reflns.pdbx_chi_squared             ? 
_reflns.pdbx_scaling_rejects         ? 
_reflns.pdbx_ordinal                 1 
_reflns.pdbx_diffrn_id               1 
# 
_reflns_shell.d_res_high                  2.04 
_reflns_shell.d_res_low                   2.09 
_reflns_shell.percent_possible_all        57.3 
_reflns_shell.Rmerge_I_obs                ? 
_reflns_shell.pdbx_Rsym_value             ? 
_reflns_shell.meanI_over_sigI_obs         ? 
_reflns_shell.pdbx_redundancy             ? 
_reflns_shell.percent_possible_obs        ? 
_reflns_shell.number_unique_all           ? 
_reflns_shell.number_measured_all         ? 
_reflns_shell.number_measured_obs         ? 
_reflns_shell.number_unique_obs           ? 
_reflns_shell.pdbx_chi_squared            ? 
_reflns_shell.pdbx_rejects                ? 
_reflns_shell.pdbx_netI_over_sigmaI_obs   ? 
_reflns_shell.number_possible             ? 
_reflns_shell.Rmerge_F_all                ? 
_reflns_shell.Rmerge_F_obs                ? 
_reflns_shell.Rmerge_I_all                ? 
_reflns_shell.meanI_over_sigI_all         ? 
_reflns_shell.pdbx_Rrim_I_all             ? 
_reflns_shell.pdbx_Rpim_I_all             ? 
_reflns_shell.pdbx_ordinal                1 
_reflns_shell.pdbx_diffrn_id              1 
# 
_refine.entry_id                                 4IZQ 
_refine.ls_number_reflns_obs                     3001 
_refine.ls_number_reflns_all                     3301 
_refine.pdbx_ls_sigma_I                          ? 
_refine.pdbx_ls_sigma_F                          ? 
_refine.pdbx_data_cutoff_high_absF               ? 
_refine.pdbx_data_cutoff_low_absF                ? 
_refine.pdbx_data_cutoff_high_rms_absF           ? 
_refine.ls_d_res_low                             31.94 
_refine.ls_d_res_high                            2.04 
_refine.ls_percent_reflns_obs                    89.33 
_refine.ls_R_factor_obs                          0.19970 
_refine.ls_R_factor_all                          ? 
_refine.ls_R_factor_R_work                       0.19703 
_refine.ls_R_factor_R_free                       0.25227 
_refine.ls_R_factor_R_free_error                 ? 
_refine.ls_R_factor_R_free_error_details         ? 
_refine.ls_percent_reflns_R_free                 4.4 
_refine.ls_number_reflns_R_free                  137 
_refine.ls_number_parameters                     ? 
_refine.ls_number_restraints                     ? 
_refine.occupancy_min                            ? 
_refine.occupancy_max                            ? 
_refine.correlation_coeff_Fo_to_Fc               0.961 
_refine.correlation_coeff_Fo_to_Fc_free          0.963 
_refine.B_iso_mean                               25.844 
_refine.aniso_B[1][1]                            -2.70 
_refine.aniso_B[2][2]                            1.04 
_refine.aniso_B[3][3]                            1.66 
_refine.aniso_B[1][2]                            0.00 
_refine.aniso_B[1][3]                            0.00 
_refine.aniso_B[2][3]                            -0.00 
_refine.solvent_model_details                    MASK 
_refine.solvent_model_param_ksol                 ? 
_refine.solvent_model_param_bsol                 ? 
_refine.pdbx_solvent_vdw_probe_radii             1.20 
_refine.pdbx_solvent_ion_probe_radii             0.80 
_refine.pdbx_solvent_shrinkage_radii             0.80 
_refine.pdbx_ls_cross_valid_method               THROUGHOUT 
_refine.details                                  'HYDROGENS HAVE BEEN ADDED IN THE RIDING POSITIONS' 
_refine.pdbx_starting_model                      'Ideal A-DNA from Coot' 
_refine.pdbx_method_to_determine_struct          'MOLECULAR REPLACEMENT' 
_refine.pdbx_isotropic_thermal_model             ? 
_refine.pdbx_stereochemistry_target_values       'MAXIMUM LIKELIHOOD' 
_refine.pdbx_stereochem_target_val_spec_case     ? 
_refine.pdbx_R_Free_selection_details            RANDOM 
_refine.pdbx_overall_ESU_R                       0.243 
_refine.pdbx_overall_ESU_R_Free                  0.205 
_refine.overall_SU_ML                            0.154 
_refine.pdbx_overall_phase_error                 ? 
_refine.overall_SU_B                             6.187 
_refine.overall_SU_R_Cruickshank_DPI             ? 
_refine.ls_redundancy_reflns_obs                 ? 
_refine.B_iso_min                                ? 
_refine.B_iso_max                                ? 
_refine.overall_SU_R_free                        ? 
_refine.ls_wR_factor_R_free                      ? 
_refine.ls_wR_factor_R_work                      ? 
_refine.overall_FOM_free_R_set                   ? 
_refine.overall_FOM_work_R_set                   ? 
_refine.pdbx_diffrn_id                           1 
_refine.pdbx_refine_id                           'X-RAY DIFFRACTION' 
_refine.pdbx_TLS_residual_ADP_flag               ? 
_refine.pdbx_overall_SU_R_free_Cruickshank_DPI   ? 
_refine.pdbx_overall_SU_R_Blow_DPI               ? 
_refine.pdbx_overall_SU_R_free_Blow_DPI          ? 
# 
_refine_hist.pdbx_refine_id                   'X-RAY DIFFRACTION' 
_refine_hist.cycle_id                         LAST 
_refine_hist.pdbx_number_atoms_protein        0 
_refine_hist.pdbx_number_atoms_nucleic_acid   404 
_refine_hist.pdbx_number_atoms_ligand         0 
_refine_hist.number_atoms_solvent             22 
_refine_hist.number_atoms_total               426 
_refine_hist.d_res_high                       2.04 
_refine_hist.d_res_low                        31.94 
# 
loop_
_refine_ls_restr.type 
_refine_ls_restr.dev_ideal 
_refine_ls_restr.dev_ideal_target 
_refine_ls_restr.weight 
_refine_ls_restr.number 
_refine_ls_restr.pdbx_restraint_function 
_refine_ls_restr.pdbx_refine_id 
r_bond_refined_d             0.010 0.011 ? 452 ? 'X-RAY DIFFRACTION' 
r_bond_other_d               0.003 0.020 ? 224 ? 'X-RAY DIFFRACTION' 
r_angle_refined_deg          1.549 1.157 ? 694 ? 'X-RAY DIFFRACTION' 
r_angle_other_deg            1.469 3.000 ? 528 ? 'X-RAY DIFFRACTION' 
r_dihedral_angle_1_deg       ?     ?     ? ?   ? 'X-RAY DIFFRACTION' 
r_dihedral_angle_2_deg       ?     ?     ? ?   ? 'X-RAY DIFFRACTION' 
r_dihedral_angle_3_deg       ?     ?     ? ?   ? 'X-RAY DIFFRACTION' 
r_dihedral_angle_4_deg       ?     ?     ? ?   ? 'X-RAY DIFFRACTION' 
r_chiral_restr               0.086 0.200 ? 60  ? 'X-RAY DIFFRACTION' 
r_gen_planes_refined         0.014 0.020 ? 242 ? 'X-RAY DIFFRACTION' 
r_gen_planes_other           0.002 0.020 ? 108 ? 'X-RAY DIFFRACTION' 
r_nbd_refined                ?     ?     ? ?   ? 'X-RAY DIFFRACTION' 
r_nbd_other                  ?     ?     ? ?   ? 'X-RAY DIFFRACTION' 
r_nbtor_refined              ?     ?     ? ?   ? 'X-RAY DIFFRACTION' 
r_nbtor_other                ?     ?     ? ?   ? 'X-RAY DIFFRACTION' 
r_xyhbond_nbd_refined        ?     ?     ? ?   ? 'X-RAY DIFFRACTION' 
r_xyhbond_nbd_other          ?     ?     ? ?   ? 'X-RAY DIFFRACTION' 
r_metal_ion_refined          ?     ?     ? ?   ? 'X-RAY DIFFRACTION' 
r_metal_ion_other            ?     ?     ? ?   ? 'X-RAY DIFFRACTION' 
r_symmetry_vdw_refined       ?     ?     ? ?   ? 'X-RAY DIFFRACTION' 
r_symmetry_vdw_other         ?     ?     ? ?   ? 'X-RAY DIFFRACTION' 
r_symmetry_hbond_refined     ?     ?     ? ?   ? 'X-RAY DIFFRACTION' 
r_symmetry_hbond_other       ?     ?     ? ?   ? 'X-RAY DIFFRACTION' 
r_symmetry_metal_ion_refined ?     ?     ? ?   ? 'X-RAY DIFFRACTION' 
r_symmetry_metal_ion_other   ?     ?     ? ?   ? 'X-RAY DIFFRACTION' 
r_mcbond_it                  ?     ?     ? ?   ? 'X-RAY DIFFRACTION' 
r_mcbond_other               ?     ?     ? ?   ? 'X-RAY DIFFRACTION' 
r_mcangle_it                 ?     ?     ? ?   ? 'X-RAY DIFFRACTION' 
r_scbond_it                  ?     ?     ? ?   ? 'X-RAY DIFFRACTION' 
r_scangle_it                 ?     ?     ? ?   ? 'X-RAY DIFFRACTION' 
r_rigid_bond_restr           ?     ?     ? ?   ? 'X-RAY DIFFRACTION' 
r_sphericity_free            ?     ?     ? ?   ? 'X-RAY DIFFRACTION' 
r_sphericity_bonded          ?     ?     ? ?   ? 'X-RAY DIFFRACTION' 
# 
_refine_ls_shell.pdbx_refine_id                   'X-RAY DIFFRACTION' 
_refine_ls_shell.pdbx_total_number_of_bins_used   20 
_refine_ls_shell.d_res_high                       2.042 
_refine_ls_shell.d_res_low                        2.094 
_refine_ls_shell.number_reflns_R_work             132 
_refine_ls_shell.R_factor_R_work                  0.311 
_refine_ls_shell.percent_reflns_obs               55.08 
_refine_ls_shell.R_factor_R_free                  0.459 
_refine_ls_shell.R_factor_R_free_error            ? 
_refine_ls_shell.percent_reflns_R_free            ? 
_refine_ls_shell.number_reflns_R_free             9 
_refine_ls_shell.number_reflns_all                ? 
_refine_ls_shell.R_factor_all                     ? 
_refine_ls_shell.number_reflns_obs                ? 
_refine_ls_shell.redundancy_reflns_obs            ? 
# 
_struct.entry_id                  4IZQ 
_struct.title                     'GGGCATGCCC in the A-DNA Form' 
_struct.pdbx_model_details        ? 
_struct.pdbx_CASP_flag            ? 
_struct.pdbx_model_type_details   ? 
# 
_struct_keywords.entry_id        4IZQ 
_struct_keywords.pdbx_keywords   DNA 
_struct_keywords.text            'A-DNA, DNA' 
# 
loop_
_struct_asym.id 
_struct_asym.pdbx_blank_PDB_chainid_flag 
_struct_asym.pdbx_modified 
_struct_asym.entity_id 
_struct_asym.details 
A N N 1 ? 
B N N 1 ? 
C N N 2 ? 
D N N 2 ? 
# 
_struct_ref.id                         1 
_struct_ref.db_name                    PDB 
_struct_ref.db_code                    4IZQ 
_struct_ref.pdbx_db_accession          4IZQ 
_struct_ref.entity_id                  1 
_struct_ref.pdbx_align_begin           ? 
_struct_ref.pdbx_seq_one_letter_code   ? 
_struct_ref.pdbx_db_isoform            ? 
# 
loop_
_struct_ref_seq.align_id 
_struct_ref_seq.ref_id 
_struct_ref_seq.pdbx_PDB_id_code 
_struct_ref_seq.pdbx_strand_id 
_struct_ref_seq.seq_align_beg 
_struct_ref_seq.pdbx_seq_align_beg_ins_code 
_struct_ref_seq.seq_align_end 
_struct_ref_seq.pdbx_seq_align_end_ins_code 
_struct_ref_seq.pdbx_db_accession 
_struct_ref_seq.db_align_beg 
_struct_ref_seq.pdbx_db_align_beg_ins_code 
_struct_ref_seq.db_align_end 
_struct_ref_seq.pdbx_db_align_end_ins_code 
_struct_ref_seq.pdbx_auth_seq_align_beg 
_struct_ref_seq.pdbx_auth_seq_align_end 
1 1 4IZQ A 1 ? 10 ? 4IZQ 1 ? 10 ? 1 10 
2 1 4IZQ B 1 ? 10 ? 4IZQ 1 ? 10 ? 1 10 
# 
_pdbx_struct_assembly.id                   1 
_pdbx_struct_assembly.details              author_and_software_defined_assembly 
_pdbx_struct_assembly.method_details       PISA 
_pdbx_struct_assembly.oligomeric_details   dimeric 
_pdbx_struct_assembly.oligomeric_count     2 
# 
loop_
_pdbx_struct_assembly_prop.biol_id 
_pdbx_struct_assembly_prop.type 
_pdbx_struct_assembly_prop.value 
_pdbx_struct_assembly_prop.details 
1 'ABSA (A^2)' 970  ? 
1 MORE         -5   ? 
1 'SSA (A^2)'  3760 ? 
# 
_pdbx_struct_assembly_gen.assembly_id       1 
_pdbx_struct_assembly_gen.oper_expression   1 
_pdbx_struct_assembly_gen.asym_id_list      A,B,C,D 
# 
_pdbx_struct_oper_list.id                   1 
_pdbx_struct_oper_list.type                 'identity operation' 
_pdbx_struct_oper_list.name                 1_555 
_pdbx_struct_oper_list.symmetry_operation   x,y,z 
_pdbx_struct_oper_list.matrix[1][1]         1.0000000000 
_pdbx_struct_oper_list.matrix[1][2]         0.0000000000 
_pdbx_struct_oper_list.matrix[1][3]         0.0000000000 
_pdbx_struct_oper_list.vector[1]            0.0000000000 
_pdbx_struct_oper_list.matrix[2][1]         0.0000000000 
_pdbx_struct_oper_list.matrix[2][2]         1.0000000000 
_pdbx_struct_oper_list.matrix[2][3]         0.0000000000 
_pdbx_struct_oper_list.vector[2]            0.0000000000 
_pdbx_struct_oper_list.matrix[3][1]         0.0000000000 
_pdbx_struct_oper_list.matrix[3][2]         0.0000000000 
_pdbx_struct_oper_list.matrix[3][3]         1.0000000000 
_pdbx_struct_oper_list.vector[3]            0.0000000000 
# 
_struct_biol.id        1 
_struct_biol.details   ? 
# 
loop_
_struct_conn.id 
_struct_conn.conn_type_id 
_struct_conn.pdbx_leaving_atom_flag 
_struct_conn.pdbx_PDB_id 
_struct_conn.ptnr1_label_asym_id 
_struct_conn.ptnr1_label_comp_id 
_struct_conn.ptnr1_label_seq_id 
_struct_conn.ptnr1_label_atom_id 
_struct_conn.pdbx_ptnr1_label_alt_id 
_struct_conn.pdbx_ptnr1_PDB_ins_code 
_struct_conn.pdbx_ptnr1_standard_comp_id 
_struct_conn.ptnr1_symmetry 
_struct_conn.ptnr2_label_asym_id 
_struct_conn.ptnr2_label_comp_id 
_struct_conn.ptnr2_label_seq_id 
_struct_conn.ptnr2_label_atom_id 
_struct_conn.pdbx_ptnr2_label_alt_id 
_struct_conn.pdbx_ptnr2_PDB_ins_code 
_struct_conn.ptnr1_auth_asym_id 
_struct_conn.ptnr1_auth_comp_id 
_struct_conn.ptnr1_auth_seq_id 
_struct_conn.ptnr2_auth_asym_id 
_struct_conn.ptnr2_auth_comp_id 
_struct_conn.ptnr2_auth_seq_id 
_struct_conn.ptnr2_symmetry 
_struct_conn.pdbx_ptnr3_label_atom_id 
_struct_conn.pdbx_ptnr3_label_seq_id 
_struct_conn.pdbx_ptnr3_label_comp_id 
_struct_conn.pdbx_ptnr3_label_asym_id 
_struct_conn.pdbx_ptnr3_label_alt_id 
_struct_conn.pdbx_ptnr3_PDB_ins_code 
_struct_conn.details 
_struct_conn.pdbx_dist_value 
_struct_conn.pdbx_value_order 
_struct_conn.pdbx_role 
hydrog1  hydrog ? ? A DG 1  N1 ? ? ? 1_555 B DC 10 N3 ? ? A DG 1  B DC 10 1_555 ? ? ? ? ? ? WATSON-CRICK ? ? ? 
hydrog2  hydrog ? ? A DG 1  N2 ? ? ? 1_555 B DC 10 O2 ? ? A DG 1  B DC 10 1_555 ? ? ? ? ? ? WATSON-CRICK ? ? ? 
hydrog3  hydrog ? ? A DG 1  O6 ? ? ? 1_555 B DC 10 N4 ? ? A DG 1  B DC 10 1_555 ? ? ? ? ? ? WATSON-CRICK ? ? ? 
hydrog4  hydrog ? ? A DG 2  N1 ? ? ? 1_555 B DC 9  N3 ? ? A DG 2  B DC 9  1_555 ? ? ? ? ? ? WATSON-CRICK ? ? ? 
hydrog5  hydrog ? ? A DG 2  N2 ? ? ? 1_555 B DC 9  O2 ? ? A DG 2  B DC 9  1_555 ? ? ? ? ? ? WATSON-CRICK ? ? ? 
hydrog6  hydrog ? ? A DG 2  O6 ? ? ? 1_555 B DC 9  N4 ? ? A DG 2  B DC 9  1_555 ? ? ? ? ? ? WATSON-CRICK ? ? ? 
hydrog7  hydrog ? ? A DG 3  N1 ? ? ? 1_555 B DC 8  N3 ? ? A DG 3  B DC 8  1_555 ? ? ? ? ? ? WATSON-CRICK ? ? ? 
hydrog8  hydrog ? ? A DG 3  N2 ? ? ? 1_555 B DC 8  O2 ? ? A DG 3  B DC 8  1_555 ? ? ? ? ? ? WATSON-CRICK ? ? ? 
hydrog9  hydrog ? ? A DG 3  O6 ? ? ? 1_555 B DC 8  N4 ? ? A DG 3  B DC 8  1_555 ? ? ? ? ? ? WATSON-CRICK ? ? ? 
hydrog10 hydrog ? ? A DC 4  N3 ? ? ? 1_555 B DG 7  N1 ? ? A DC 4  B DG 7  1_555 ? ? ? ? ? ? WATSON-CRICK ? ? ? 
hydrog11 hydrog ? ? A DC 4  N4 ? ? ? 1_555 B DG 7  O6 ? ? A DC 4  B DG 7  1_555 ? ? ? ? ? ? WATSON-CRICK ? ? ? 
hydrog12 hydrog ? ? A DC 4  O2 ? ? ? 1_555 B DG 7  N2 ? ? A DC 4  B DG 7  1_555 ? ? ? ? ? ? WATSON-CRICK ? ? ? 
hydrog13 hydrog ? ? A DA 5  N1 ? ? ? 1_555 B DT 6  N3 ? ? A DA 5  B DT 6  1_555 ? ? ? ? ? ? WATSON-CRICK ? ? ? 
hydrog14 hydrog ? ? A DA 5  N6 ? ? ? 1_555 B DT 6  O4 ? ? A DA 5  B DT 6  1_555 ? ? ? ? ? ? WATSON-CRICK ? ? ? 
hydrog15 hydrog ? ? A DT 6  N3 ? ? ? 1_555 B DA 5  N1 ? ? A DT 6  B DA 5  1_555 ? ? ? ? ? ? WATSON-CRICK ? ? ? 
hydrog16 hydrog ? ? A DT 6  O4 ? ? ? 1_555 B DA 5  N6 ? ? A DT 6  B DA 5  1_555 ? ? ? ? ? ? WATSON-CRICK ? ? ? 
hydrog17 hydrog ? ? A DG 7  N1 ? ? ? 1_555 B DC 4  N3 ? ? A DG 7  B DC 4  1_555 ? ? ? ? ? ? WATSON-CRICK ? ? ? 
hydrog18 hydrog ? ? A DG 7  N2 ? ? ? 1_555 B DC 4  O2 ? ? A DG 7  B DC 4  1_555 ? ? ? ? ? ? WATSON-CRICK ? ? ? 
hydrog19 hydrog ? ? A DG 7  O6 ? ? ? 1_555 B DC 4  N4 ? ? A DG 7  B DC 4  1_555 ? ? ? ? ? ? WATSON-CRICK ? ? ? 
hydrog20 hydrog ? ? A DC 8  N3 ? ? ? 1_555 B DG 3  N1 ? ? A DC 8  B DG 3  1_555 ? ? ? ? ? ? WATSON-CRICK ? ? ? 
hydrog21 hydrog ? ? A DC 8  N4 ? ? ? 1_555 B DG 3  O6 ? ? A DC 8  B DG 3  1_555 ? ? ? ? ? ? WATSON-CRICK ? ? ? 
hydrog22 hydrog ? ? A DC 8  O2 ? ? ? 1_555 B DG 3  N2 ? ? A DC 8  B DG 3  1_555 ? ? ? ? ? ? WATSON-CRICK ? ? ? 
hydrog23 hydrog ? ? A DC 9  N3 ? ? ? 1_555 B DG 2  N1 ? ? A DC 9  B DG 2  1_555 ? ? ? ? ? ? WATSON-CRICK ? ? ? 
hydrog24 hydrog ? ? A DC 9  N4 ? ? ? 1_555 B DG 2  O6 ? ? A DC 9  B DG 2  1_555 ? ? ? ? ? ? WATSON-CRICK ? ? ? 
hydrog25 hydrog ? ? A DC 9  O2 ? ? ? 1_555 B DG 2  N2 ? ? A DC 9  B DG 2  1_555 ? ? ? ? ? ? WATSON-CRICK ? ? ? 
hydrog26 hydrog ? ? A DC 10 N3 ? ? ? 1_555 B DG 1  N1 ? ? A DC 10 B DG 1  1_555 ? ? ? ? ? ? WATSON-CRICK ? ? ? 
hydrog27 hydrog ? ? A DC 10 N4 ? ? ? 1_555 B DG 1  O6 ? ? A DC 10 B DG 1  1_555 ? ? ? ? ? ? WATSON-CRICK ? ? ? 
hydrog28 hydrog ? ? A DC 10 O2 ? ? ? 1_555 B DG 1  N2 ? ? A DC 10 B DG 1  1_555 ? ? ? ? ? ? WATSON-CRICK ? ? ? 
# 
_struct_conn_type.id          hydrog 
_struct_conn_type.criteria    ? 
_struct_conn_type.reference   ? 
# 
loop_
_pdbx_validate_rmsd_angle.id 
_pdbx_validate_rmsd_angle.PDB_model_num 
_pdbx_validate_rmsd_angle.auth_atom_id_1 
_pdbx_validate_rmsd_angle.auth_asym_id_1 
_pdbx_validate_rmsd_angle.auth_comp_id_1 
_pdbx_validate_rmsd_angle.auth_seq_id_1 
_pdbx_validate_rmsd_angle.PDB_ins_code_1 
_pdbx_validate_rmsd_angle.label_alt_id_1 
_pdbx_validate_rmsd_angle.auth_atom_id_2 
_pdbx_validate_rmsd_angle.auth_asym_id_2 
_pdbx_validate_rmsd_angle.auth_comp_id_2 
_pdbx_validate_rmsd_angle.auth_seq_id_2 
_pdbx_validate_rmsd_angle.PDB_ins_code_2 
_pdbx_validate_rmsd_angle.label_alt_id_2 
_pdbx_validate_rmsd_angle.auth_atom_id_3 
_pdbx_validate_rmsd_angle.auth_asym_id_3 
_pdbx_validate_rmsd_angle.auth_comp_id_3 
_pdbx_validate_rmsd_angle.auth_seq_id_3 
_pdbx_validate_rmsd_angle.PDB_ins_code_3 
_pdbx_validate_rmsd_angle.label_alt_id_3 
_pdbx_validate_rmsd_angle.angle_value 
_pdbx_validate_rmsd_angle.angle_target_value 
_pdbx_validate_rmsd_angle.angle_deviation 
_pdbx_validate_rmsd_angle.angle_standard_deviation 
_pdbx_validate_rmsd_angle.linker_flag 
1 1 "O5'" A DG 7 ? ? P     A DG 7 ? ? OP2   A DG 7 ? ? 97.54  105.70 -8.16 0.90 N 
2 1 "O5'" A DC 9 ? ? P     A DC 9 ? ? OP2   A DC 9 ? ? 99.99  105.70 -5.71 0.90 N 
3 1 "O4'" B DC 4 ? ? "C4'" B DC 4 ? ? "C3'" B DC 4 ? ? 101.44 104.50 -3.06 0.40 N 
# 
loop_
_chem_comp_atom.comp_id 
_chem_comp_atom.atom_id 
_chem_comp_atom.type_symbol 
_chem_comp_atom.pdbx_aromatic_flag 
_chem_comp_atom.pdbx_stereo_config 
_chem_comp_atom.pdbx_ordinal 
DA  OP3    O N N 1   
DA  P      P N N 2   
DA  OP1    O N N 3   
DA  OP2    O N N 4   
DA  "O5'"  O N N 5   
DA  "C5'"  C N N 6   
DA  "C4'"  C N R 7   
DA  "O4'"  O N N 8   
DA  "C3'"  C N S 9   
DA  "O3'"  O N N 10  
DA  "C2'"  C N N 11  
DA  "C1'"  C N R 12  
DA  N9     N Y N 13  
DA  C8     C Y N 14  
DA  N7     N Y N 15  
DA  C5     C Y N 16  
DA  C6     C Y N 17  
DA  N6     N N N 18  
DA  N1     N Y N 19  
DA  C2     C Y N 20  
DA  N3     N Y N 21  
DA  C4     C Y N 22  
DA  HOP3   H N N 23  
DA  HOP2   H N N 24  
DA  "H5'"  H N N 25  
DA  "H5''" H N N 26  
DA  "H4'"  H N N 27  
DA  "H3'"  H N N 28  
DA  "HO3'" H N N 29  
DA  "H2'"  H N N 30  
DA  "H2''" H N N 31  
DA  "H1'"  H N N 32  
DA  H8     H N N 33  
DA  H61    H N N 34  
DA  H62    H N N 35  
DA  H2     H N N 36  
DC  OP3    O N N 37  
DC  P      P N N 38  
DC  OP1    O N N 39  
DC  OP2    O N N 40  
DC  "O5'"  O N N 41  
DC  "C5'"  C N N 42  
DC  "C4'"  C N R 43  
DC  "O4'"  O N N 44  
DC  "C3'"  C N S 45  
DC  "O3'"  O N N 46  
DC  "C2'"  C N N 47  
DC  "C1'"  C N R 48  
DC  N1     N N N 49  
DC  C2     C N N 50  
DC  O2     O N N 51  
DC  N3     N N N 52  
DC  C4     C N N 53  
DC  N4     N N N 54  
DC  C5     C N N 55  
DC  C6     C N N 56  
DC  HOP3   H N N 57  
DC  HOP2   H N N 58  
DC  "H5'"  H N N 59  
DC  "H5''" H N N 60  
DC  "H4'"  H N N 61  
DC  "H3'"  H N N 62  
DC  "HO3'" H N N 63  
DC  "H2'"  H N N 64  
DC  "H2''" H N N 65  
DC  "H1'"  H N N 66  
DC  H41    H N N 67  
DC  H42    H N N 68  
DC  H5     H N N 69  
DC  H6     H N N 70  
DG  OP3    O N N 71  
DG  P      P N N 72  
DG  OP1    O N N 73  
DG  OP2    O N N 74  
DG  "O5'"  O N N 75  
DG  "C5'"  C N N 76  
DG  "C4'"  C N R 77  
DG  "O4'"  O N N 78  
DG  "C3'"  C N S 79  
DG  "O3'"  O N N 80  
DG  "C2'"  C N N 81  
DG  "C1'"  C N R 82  
DG  N9     N Y N 83  
DG  C8     C Y N 84  
DG  N7     N Y N 85  
DG  C5     C Y N 86  
DG  C6     C N N 87  
DG  O6     O N N 88  
DG  N1     N N N 89  
DG  C2     C N N 90  
DG  N2     N N N 91  
DG  N3     N N N 92  
DG  C4     C Y N 93  
DG  HOP3   H N N 94  
DG  HOP2   H N N 95  
DG  "H5'"  H N N 96  
DG  "H5''" H N N 97  
DG  "H4'"  H N N 98  
DG  "H3'"  H N N 99  
DG  "HO3'" H N N 100 
DG  "H2'"  H N N 101 
DG  "H2''" H N N 102 
DG  "H1'"  H N N 103 
DG  H8     H N N 104 
DG  H1     H N N 105 
DG  H21    H N N 106 
DG  H22    H N N 107 
DT  OP3    O N N 108 
DT  P      P N N 109 
DT  OP1    O N N 110 
DT  OP2    O N N 111 
DT  "O5'"  O N N 112 
DT  "C5'"  C N N 113 
DT  "C4'"  C N R 114 
DT  "O4'"  O N N 115 
DT  "C3'"  C N S 116 
DT  "O3'"  O N N 117 
DT  "C2'"  C N N 118 
DT  "C1'"  C N R 119 
DT  N1     N N N 120 
DT  C2     C N N 121 
DT  O2     O N N 122 
DT  N3     N N N 123 
DT  C4     C N N 124 
DT  O4     O N N 125 
DT  C5     C N N 126 
DT  C7     C N N 127 
DT  C6     C N N 128 
DT  HOP3   H N N 129 
DT  HOP2   H N N 130 
DT  "H5'"  H N N 131 
DT  "H5''" H N N 132 
DT  "H4'"  H N N 133 
DT  "H3'"  H N N 134 
DT  "HO3'" H N N 135 
DT  "H2'"  H N N 136 
DT  "H2''" H N N 137 
DT  "H1'"  H N N 138 
DT  H3     H N N 139 
DT  H71    H N N 140 
DT  H72    H N N 141 
DT  H73    H N N 142 
DT  H6     H N N 143 
HOH O      O N N 144 
HOH H1     H N N 145 
HOH H2     H N N 146 
# 
loop_
_chem_comp_bond.comp_id 
_chem_comp_bond.atom_id_1 
_chem_comp_bond.atom_id_2 
_chem_comp_bond.value_order 
_chem_comp_bond.pdbx_aromatic_flag 
_chem_comp_bond.pdbx_stereo_config 
_chem_comp_bond.pdbx_ordinal 
DA  OP3   P      sing N N 1   
DA  OP3   HOP3   sing N N 2   
DA  P     OP1    doub N N 3   
DA  P     OP2    sing N N 4   
DA  P     "O5'"  sing N N 5   
DA  OP2   HOP2   sing N N 6   
DA  "O5'" "C5'"  sing N N 7   
DA  "C5'" "C4'"  sing N N 8   
DA  "C5'" "H5'"  sing N N 9   
DA  "C5'" "H5''" sing N N 10  
DA  "C4'" "O4'"  sing N N 11  
DA  "C4'" "C3'"  sing N N 12  
DA  "C4'" "H4'"  sing N N 13  
DA  "O4'" "C1'"  sing N N 14  
DA  "C3'" "O3'"  sing N N 15  
DA  "C3'" "C2'"  sing N N 16  
DA  "C3'" "H3'"  sing N N 17  
DA  "O3'" "HO3'" sing N N 18  
DA  "C2'" "C1'"  sing N N 19  
DA  "C2'" "H2'"  sing N N 20  
DA  "C2'" "H2''" sing N N 21  
DA  "C1'" N9     sing N N 22  
DA  "C1'" "H1'"  sing N N 23  
DA  N9    C8     sing Y N 24  
DA  N9    C4     sing Y N 25  
DA  C8    N7     doub Y N 26  
DA  C8    H8     sing N N 27  
DA  N7    C5     sing Y N 28  
DA  C5    C6     sing Y N 29  
DA  C5    C4     doub Y N 30  
DA  C6    N6     sing N N 31  
DA  C6    N1     doub Y N 32  
DA  N6    H61    sing N N 33  
DA  N6    H62    sing N N 34  
DA  N1    C2     sing Y N 35  
DA  C2    N3     doub Y N 36  
DA  C2    H2     sing N N 37  
DA  N3    C4     sing Y N 38  
DC  OP3   P      sing N N 39  
DC  OP3   HOP3   sing N N 40  
DC  P     OP1    doub N N 41  
DC  P     OP2    sing N N 42  
DC  P     "O5'"  sing N N 43  
DC  OP2   HOP2   sing N N 44  
DC  "O5'" "C5'"  sing N N 45  
DC  "C5'" "C4'"  sing N N 46  
DC  "C5'" "H5'"  sing N N 47  
DC  "C5'" "H5''" sing N N 48  
DC  "C4'" "O4'"  sing N N 49  
DC  "C4'" "C3'"  sing N N 50  
DC  "C4'" "H4'"  sing N N 51  
DC  "O4'" "C1'"  sing N N 52  
DC  "C3'" "O3'"  sing N N 53  
DC  "C3'" "C2'"  sing N N 54  
DC  "C3'" "H3'"  sing N N 55  
DC  "O3'" "HO3'" sing N N 56  
DC  "C2'" "C1'"  sing N N 57  
DC  "C2'" "H2'"  sing N N 58  
DC  "C2'" "H2''" sing N N 59  
DC  "C1'" N1     sing N N 60  
DC  "C1'" "H1'"  sing N N 61  
DC  N1    C2     sing N N 62  
DC  N1    C6     sing N N 63  
DC  C2    O2     doub N N 64  
DC  C2    N3     sing N N 65  
DC  N3    C4     doub N N 66  
DC  C4    N4     sing N N 67  
DC  C4    C5     sing N N 68  
DC  N4    H41    sing N N 69  
DC  N4    H42    sing N N 70  
DC  C5    C6     doub N N 71  
DC  C5    H5     sing N N 72  
DC  C6    H6     sing N N 73  
DG  OP3   P      sing N N 74  
DG  OP3   HOP3   sing N N 75  
DG  P     OP1    doub N N 76  
DG  P     OP2    sing N N 77  
DG  P     "O5'"  sing N N 78  
DG  OP2   HOP2   sing N N 79  
DG  "O5'" "C5'"  sing N N 80  
DG  "C5'" "C4'"  sing N N 81  
DG  "C5'" "H5'"  sing N N 82  
DG  "C5'" "H5''" sing N N 83  
DG  "C4'" "O4'"  sing N N 84  
DG  "C4'" "C3'"  sing N N 85  
DG  "C4'" "H4'"  sing N N 86  
DG  "O4'" "C1'"  sing N N 87  
DG  "C3'" "O3'"  sing N N 88  
DG  "C3'" "C2'"  sing N N 89  
DG  "C3'" "H3'"  sing N N 90  
DG  "O3'" "HO3'" sing N N 91  
DG  "C2'" "C1'"  sing N N 92  
DG  "C2'" "H2'"  sing N N 93  
DG  "C2'" "H2''" sing N N 94  
DG  "C1'" N9     sing N N 95  
DG  "C1'" "H1'"  sing N N 96  
DG  N9    C8     sing Y N 97  
DG  N9    C4     sing Y N 98  
DG  C8    N7     doub Y N 99  
DG  C8    H8     sing N N 100 
DG  N7    C5     sing Y N 101 
DG  C5    C6     sing N N 102 
DG  C5    C4     doub Y N 103 
DG  C6    O6     doub N N 104 
DG  C6    N1     sing N N 105 
DG  N1    C2     sing N N 106 
DG  N1    H1     sing N N 107 
DG  C2    N2     sing N N 108 
DG  C2    N3     doub N N 109 
DG  N2    H21    sing N N 110 
DG  N2    H22    sing N N 111 
DG  N3    C4     sing N N 112 
DT  OP3   P      sing N N 113 
DT  OP3   HOP3   sing N N 114 
DT  P     OP1    doub N N 115 
DT  P     OP2    sing N N 116 
DT  P     "O5'"  sing N N 117 
DT  OP2   HOP2   sing N N 118 
DT  "O5'" "C5'"  sing N N 119 
DT  "C5'" "C4'"  sing N N 120 
DT  "C5'" "H5'"  sing N N 121 
DT  "C5'" "H5''" sing N N 122 
DT  "C4'" "O4'"  sing N N 123 
DT  "C4'" "C3'"  sing N N 124 
DT  "C4'" "H4'"  sing N N 125 
DT  "O4'" "C1'"  sing N N 126 
DT  "C3'" "O3'"  sing N N 127 
DT  "C3'" "C2'"  sing N N 128 
DT  "C3'" "H3'"  sing N N 129 
DT  "O3'" "HO3'" sing N N 130 
DT  "C2'" "C1'"  sing N N 131 
DT  "C2'" "H2'"  sing N N 132 
DT  "C2'" "H2''" sing N N 133 
DT  "C1'" N1     sing N N 134 
DT  "C1'" "H1'"  sing N N 135 
DT  N1    C2     sing N N 136 
DT  N1    C6     sing N N 137 
DT  C2    O2     doub N N 138 
DT  C2    N3     sing N N 139 
DT  N3    C4     sing N N 140 
DT  N3    H3     sing N N 141 
DT  C4    O4     doub N N 142 
DT  C4    C5     sing N N 143 
DT  C5    C7     sing N N 144 
DT  C5    C6     doub N N 145 
DT  C7    H71    sing N N 146 
DT  C7    H72    sing N N 147 
DT  C7    H73    sing N N 148 
DT  C6    H6     sing N N 149 
HOH O     H1     sing N N 150 
HOH O     H2     sing N N 151 
# 
_ndb_struct_conf_na.entry_id   4IZQ 
_ndb_struct_conf_na.feature    'a-form double helix' 
# 
loop_
_ndb_struct_na_base_pair.model_number 
_ndb_struct_na_base_pair.i_label_asym_id 
_ndb_struct_na_base_pair.i_label_comp_id 
_ndb_struct_na_base_pair.i_label_seq_id 
_ndb_struct_na_base_pair.i_symmetry 
_ndb_struct_na_base_pair.j_label_asym_id 
_ndb_struct_na_base_pair.j_label_comp_id 
_ndb_struct_na_base_pair.j_label_seq_id 
_ndb_struct_na_base_pair.j_symmetry 
_ndb_struct_na_base_pair.shear 
_ndb_struct_na_base_pair.stretch 
_ndb_struct_na_base_pair.stagger 
_ndb_struct_na_base_pair.buckle 
_ndb_struct_na_base_pair.propeller 
_ndb_struct_na_base_pair.opening 
_ndb_struct_na_base_pair.pair_number 
_ndb_struct_na_base_pair.pair_name 
_ndb_struct_na_base_pair.i_auth_asym_id 
_ndb_struct_na_base_pair.i_auth_seq_id 
_ndb_struct_na_base_pair.i_PDB_ins_code 
_ndb_struct_na_base_pair.j_auth_asym_id 
_ndb_struct_na_base_pair.j_auth_seq_id 
_ndb_struct_na_base_pair.j_PDB_ins_code 
_ndb_struct_na_base_pair.hbond_type_28 
_ndb_struct_na_base_pair.hbond_type_12 
1 A DG 1  1_555 B DC 10 1_555 -0.530 -0.195 -0.148 -7.680  -2.514  -2.007 1  A_DG1:DC10_B A 1  ? B 10 ? 19 1 
1 A DG 2  1_555 B DC 9  1_555 -0.162 -0.274 -0.086 -5.384  -14.720 2.798  2  A_DG2:DC9_B  A 2  ? B 9  ? 19 1 
1 A DG 3  1_555 B DC 8  1_555 -0.446 -0.172 0.022  -11.060 -14.906 -0.082 3  A_DG3:DC8_B  A 3  ? B 8  ? 19 1 
1 A DC 4  1_555 B DG 7  1_555 -0.070 -0.198 0.232  -9.669  -11.771 -1.100 4  A_DC4:DG7_B  A 4  ? B 7  ? 19 1 
1 A DA 5  1_555 B DT 6  1_555 -0.323 -0.249 0.071  -7.912  -10.182 1.612  5  A_DA5:DT6_B  A 5  ? B 6  ? 20 1 
1 A DT 6  1_555 B DA 5  1_555 0.462  -0.160 -0.064 0.270   -17.280 -0.672 6  A_DT6:DA5_B  A 6  ? B 5  ? 20 1 
1 A DG 7  1_555 B DC 4  1_555 0.152  -0.148 0.265  11.196  -2.623  1.962  7  A_DG7:DC4_B  A 7  ? B 4  ? 19 1 
1 A DC 8  1_555 B DG 3  1_555 0.289  -0.139 -0.229 10.702  -14.663 4.229  8  A_DC8:DG3_B  A 8  ? B 3  ? 19 1 
1 A DC 9  1_555 B DG 2  1_555 0.077  -0.185 -0.096 3.447   -12.735 0.916  9  A_DC9:DG2_B  A 9  ? B 2  ? 19 1 
1 A DC 10 1_555 B DG 1  1_555 0.125  -0.065 -0.122 4.486   0.705   -3.216 10 A_DC10:DG1_B A 10 ? B 1  ? 19 1 
# 
loop_
_ndb_struct_na_base_pair_step.model_number 
_ndb_struct_na_base_pair_step.i_label_asym_id_1 
_ndb_struct_na_base_pair_step.i_label_comp_id_1 
_ndb_struct_na_base_pair_step.i_label_seq_id_1 
_ndb_struct_na_base_pair_step.i_symmetry_1 
_ndb_struct_na_base_pair_step.j_label_asym_id_1 
_ndb_struct_na_base_pair_step.j_label_comp_id_1 
_ndb_struct_na_base_pair_step.j_label_seq_id_1 
_ndb_struct_na_base_pair_step.j_symmetry_1 
_ndb_struct_na_base_pair_step.i_label_asym_id_2 
_ndb_struct_na_base_pair_step.i_label_comp_id_2 
_ndb_struct_na_base_pair_step.i_label_seq_id_2 
_ndb_struct_na_base_pair_step.i_symmetry_2 
_ndb_struct_na_base_pair_step.j_label_asym_id_2 
_ndb_struct_na_base_pair_step.j_label_comp_id_2 
_ndb_struct_na_base_pair_step.j_label_seq_id_2 
_ndb_struct_na_base_pair_step.j_symmetry_2 
_ndb_struct_na_base_pair_step.shift 
_ndb_struct_na_base_pair_step.slide 
_ndb_struct_na_base_pair_step.rise 
_ndb_struct_na_base_pair_step.tilt 
_ndb_struct_na_base_pair_step.roll 
_ndb_struct_na_base_pair_step.twist 
_ndb_struct_na_base_pair_step.x_displacement 
_ndb_struct_na_base_pair_step.y_displacement 
_ndb_struct_na_base_pair_step.helical_rise 
_ndb_struct_na_base_pair_step.inclination 
_ndb_struct_na_base_pair_step.tip 
_ndb_struct_na_base_pair_step.helical_twist 
_ndb_struct_na_base_pair_step.step_number 
_ndb_struct_na_base_pair_step.step_name 
_ndb_struct_na_base_pair_step.i_auth_asym_id_1 
_ndb_struct_na_base_pair_step.i_auth_seq_id_1 
_ndb_struct_na_base_pair_step.i_PDB_ins_code_1 
_ndb_struct_na_base_pair_step.j_auth_asym_id_1 
_ndb_struct_na_base_pair_step.j_auth_seq_id_1 
_ndb_struct_na_base_pair_step.j_PDB_ins_code_1 
_ndb_struct_na_base_pair_step.i_auth_asym_id_2 
_ndb_struct_na_base_pair_step.i_auth_seq_id_2 
_ndb_struct_na_base_pair_step.i_PDB_ins_code_2 
_ndb_struct_na_base_pair_step.j_auth_asym_id_2 
_ndb_struct_na_base_pair_step.j_auth_seq_id_2 
_ndb_struct_na_base_pair_step.j_PDB_ins_code_2 
1 A DG 1 1_555 B DC 10 1_555 A DG 2  1_555 B DC 9 1_555 0.651  -1.689 3.308 1.973  3.770  35.073 -3.335 -0.784 3.146 6.228  -3.258 
35.322 1 AA_DG1DG2:DC9DC10_BB A 1 ? B 10 ? A 2  ? B 9 ? 
1 A DG 2 1_555 B DC 9  1_555 A DG 3  1_555 B DC 8 1_555 0.010  -1.829 3.460 0.332  2.984  28.796 -4.338 0.056  3.257 5.980  -0.666 
28.949 2 AA_DG2DG3:DC8DC9_BB  A 2 ? B 9  ? A 3  ? B 8 ? 
1 A DG 3 1_555 B DC 8  1_555 A DC 4  1_555 B DG 7 1_555 -1.128 -1.429 3.153 -4.252 6.499  37.216 -2.980 1.219  2.977 10.050 6.575  
37.990 3 AA_DG3DC4:DG7DC8_BB  A 3 ? B 8  ? A 4  ? B 7 ? 
1 A DC 4 1_555 B DG 7  1_555 A DA 5  1_555 B DT 6 1_555 0.981  -1.597 3.198 4.053  15.083 22.819 -6.520 -1.204 1.934 33.543 -9.013 
27.593 4 AA_DC4DA5:DT6DG7_BB  A 4 ? B 7  ? A 5  ? B 6 ? 
1 A DA 5 1_555 B DT 6  1_555 A DT 6  1_555 B DA 5 1_555 -0.271 -1.081 3.151 0.620  12.057 37.897 -2.877 0.465  2.693 18.014 -0.926 
39.706 5 AA_DA5DT6:DA5DT6_BB  A 5 ? B 6  ? A 6  ? B 5 ? 
1 A DT 6 1_555 B DA 5  1_555 A DG 7  1_555 B DC 4 1_555 0.946  -1.476 2.968 -2.980 11.375 22.942 -5.829 -2.783 1.898 26.482 6.937  
25.744 6 AA_DT6DG7:DC4DA5_BB  A 6 ? B 5  ? A 7  ? B 4 ? 
1 A DG 7 1_555 B DC 4  1_555 A DC 8  1_555 B DG 3 1_555 -0.370 -1.783 3.327 1.957  2.836  31.396 -3.797 1.040  3.130 5.220  -3.602 
31.580 7 AA_DG7DC8:DG3DC4_BB  A 7 ? B 4  ? A 8  ? B 3 ? 
1 A DC 8 1_555 B DG 3  1_555 A DC 9  1_555 B DG 2 1_555 -0.494 -1.827 3.370 -2.881 11.496 30.459 -5.128 0.408  2.565 20.914 5.242  
32.633 8 AA_DC8DC9:DG2DG3_BB  A 8 ? B 3  ? A 9  ? B 2 ? 
1 A DC 9 1_555 B DG 2  1_555 A DC 10 1_555 B DG 1 1_555 -0.246 -1.827 3.406 -0.526 4.892  31.551 -4.211 0.352  3.098 8.929  0.961  
31.923 9 AA_DC9DC10:DG1DG2_BB A 9 ? B 2  ? A 10 ? B 1 ? 
# 
_pdbx_initial_refinement_model.accession_code   ? 
_pdbx_initial_refinement_model.id               1 
_pdbx_initial_refinement_model.entity_id_list   ? 
_pdbx_initial_refinement_model.type             'in silico model' 
_pdbx_initial_refinement_model.source_name      Other 
_pdbx_initial_refinement_model.details          'Ideal A-DNA from Coot' 
# 
_atom_sites.entry_id                    4IZQ 
_atom_sites.fract_transf_matrix[1][1]   0.01529141 
_atom_sites.fract_transf_matrix[1][2]   0.01468967 
_atom_sites.fract_transf_matrix[1][3]   -0.03425888 
_atom_sites.fract_transf_matrix[2][1]   -0.01713436 
_atom_sites.fract_transf_matrix[2][2]   -0.00941907 
_atom_sites.fract_transf_matrix[2][3]   -0.01168665 
_atom_sites.fract_transf_matrix[3][1]   -0.01156655 
_atom_sites.fract_transf_matrix[3][2]   0.01791533 
_atom_sites.fract_transf_matrix[3][3]   0.00251909 
_atom_sites.fract_transf_vector[1]      1.126529 
_atom_sites.fract_transf_vector[2]      1.036503 
_atom_sites.fract_transf_vector[3]      0.266885 
# 
loop_
_atom_type.symbol 
C 
N 
O 
P 
# 
loop_
_atom_site.group_PDB 
_atom_site.id 
_atom_site.type_symbol 
_atom_site.label_atom_id 
_atom_site.label_alt_id 
_atom_site.label_comp_id 
_atom_site.label_asym_id 
_atom_site.label_entity_id 
_atom_site.label_seq_id 
_atom_site.pdbx_PDB_ins_code 
_atom_site.Cartn_x 
_atom_site.Cartn_y 
_atom_site.Cartn_z 
_atom_site.occupancy 
_atom_site.B_iso_or_equiv 
_atom_site.pdbx_formal_charge 
_atom_site.auth_seq_id 
_atom_site.auth_comp_id 
_atom_site.auth_asym_id 
_atom_site.auth_atom_id 
_atom_site.pdbx_PDB_model_num 
ATOM   1   O "O5'" . DG  A 1 1  ? 1.449   4.333   12.798  1.00 33.04 ? 1   DG  A "O5'" 1 
ATOM   2   C "C5'" . DG  A 1 1  ? 2.014   5.604   12.489  1.00 33.06 ? 1   DG  A "C5'" 1 
ATOM   3   C "C4'" . DG  A 1 1  ? 3.516   5.530   12.572  1.00 33.37 ? 1   DG  A "C4'" 1 
ATOM   4   O "O4'" . DG  A 1 1  ? 3.887   4.500   13.499  1.00 34.91 ? 1   DG  A "O4'" 1 
ATOM   5   C "C3'" . DG  A 1 1  ? 4.223   5.142   11.287  1.00 35.44 ? 1   DG  A "C3'" 1 
ATOM   6   O "O3'" . DG  A 1 1  ? 4.370   6.266   10.416  1.00 39.80 ? 1   DG  A "O3'" 1 
ATOM   7   C "C2'" . DG  A 1 1  ? 5.540   4.607   11.818  1.00 32.76 ? 1   DG  A "C2'" 1 
ATOM   8   C "C1'" . DG  A 1 1  ? 5.050   3.826   13.019  1.00 33.75 ? 1   DG  A "C1'" 1 
ATOM   9   N N9    . DG  A 1 1  ? 4.677   2.447   12.741  1.00 33.65 ? 1   DG  A N9    1 
ATOM   10  C C8    . DG  A 1 1  ? 3.443   1.863   12.912  1.00 33.92 ? 1   DG  A C8    1 
ATOM   11  N N7    . DG  A 1 1  ? 3.424   0.603   12.575  1.00 32.11 ? 1   DG  A N7    1 
ATOM   12  C C5    . DG  A 1 1  ? 4.720   0.341   12.158  1.00 28.94 ? 1   DG  A C5    1 
ATOM   13  C C6    . DG  A 1 1  ? 5.308   -0.859  11.706  1.00 27.37 ? 1   DG  A C6    1 
ATOM   14  O O6    . DG  A 1 1  ? 4.779   -1.960  11.544  1.00 25.52 ? 1   DG  A O6    1 
ATOM   15  N N1    . DG  A 1 1  ? 6.651   -0.682  11.389  1.00 27.34 ? 1   DG  A N1    1 
ATOM   16  C C2    . DG  A 1 1  ? 7.336   0.501   11.482  1.00 28.08 ? 1   DG  A C2    1 
ATOM   17  N N2    . DG  A 1 1  ? 8.624   0.472   11.119  1.00 26.80 ? 1   DG  A N2    1 
ATOM   18  N N3    . DG  A 1 1  ? 6.804   1.627   11.925  1.00 31.27 ? 1   DG  A N3    1 
ATOM   19  C C4    . DG  A 1 1  ? 5.501   1.473   12.243  1.00 32.14 ? 1   DG  A C4    1 
ATOM   20  P P     . DG  A 1 2  ? 4.187   6.108   8.830   1.00 42.96 ? 2   DG  A P     1 
ATOM   21  O OP1   . DG  A 1 2  ? 4.307   7.466   8.225   1.00 43.71 ? 2   DG  A OP1   1 
ATOM   22  O OP2   . DG  A 1 2  ? 2.998   5.255   8.606   1.00 39.80 ? 2   DG  A OP2   1 
ATOM   23  O "O5'" . DG  A 1 2  ? 5.453   5.275   8.343   1.00 33.53 ? 2   DG  A "O5'" 1 
ATOM   24  C "C5'" . DG  A 1 2  ? 6.764   5.803   8.410   1.00 30.05 ? 2   DG  A "C5'" 1 
ATOM   25  C "C4'" . DG  A 1 2  ? 7.730   4.671   8.173   1.00 29.42 ? 2   DG  A "C4'" 1 
ATOM   26  O "O4'" . DG  A 1 2  ? 7.386   3.558   9.013   1.00 30.68 ? 2   DG  A "O4'" 1 
ATOM   27  C "C3'" . DG  A 1 2  ? 7.673   4.107   6.763   1.00 29.06 ? 2   DG  A "C3'" 1 
ATOM   28  O "O3'" . DG  A 1 2  ? 8.546   4.820   5.876   1.00 31.26 ? 2   DG  A "O3'" 1 
ATOM   29  C "C2'" . DG  A 1 2  ? 8.161   2.684   6.954   1.00 28.68 ? 2   DG  A "C2'" 1 
ATOM   30  C "C1'" . DG  A 1 2  ? 7.722   2.340   8.361   1.00 27.52 ? 2   DG  A "C1'" 1 
ATOM   31  N N9    . DG  A 1 2  ? 6.569   1.447   8.403   1.00 26.17 ? 2   DG  A N9    1 
ATOM   32  C C8    . DG  A 1 2  ? 5.250   1.745   8.648   1.00 26.14 ? 2   DG  A C8    1 
ATOM   33  N N7    . DG  A 1 2  ? 4.469   0.703   8.558   1.00 25.50 ? 2   DG  A N7    1 
ATOM   34  C C5    . DG  A 1 2  ? 5.326   -0.345  8.248   1.00 22.87 ? 2   DG  A C5    1 
ATOM   35  C C6    . DG  A 1 2  ? 5.065   -1.720  8.048   1.00 23.29 ? 2   DG  A C6    1 
ATOM   36  O O6    . DG  A 1 2  ? 3.985   -2.317  8.124   1.00 25.23 ? 2   DG  A O6    1 
ATOM   37  N N1    . DG  A 1 2  ? 6.221   -2.420  7.717   1.00 21.61 ? 2   DG  A N1    1 
ATOM   38  C C2    . DG  A 1 2  ? 7.467   -1.867  7.597   1.00 21.52 ? 2   DG  A C2    1 
ATOM   39  N N2    . DG  A 1 2  ? 8.457   -2.695  7.257   1.00 20.41 ? 2   DG  A N2    1 
ATOM   40  N N3    . DG  A 1 2  ? 7.727   -0.595  7.807   1.00 21.70 ? 2   DG  A N3    1 
ATOM   41  C C4    . DG  A 1 2  ? 6.620   0.102   8.131   1.00 23.04 ? 2   DG  A C4    1 
ATOM   42  P P     . DG  A 1 3  ? 8.209   4.900   4.338   1.00 30.46 ? 3   DG  A P     1 
ATOM   43  O OP1   . DG  A 1 3  ? 9.223   5.749   3.701   1.00 39.05 ? 3   DG  A OP1   1 
ATOM   44  O OP2   . DG  A 1 3  ? 6.801   5.207   4.214   1.00 29.77 ? 3   DG  A OP2   1 
ATOM   45  O "O5'" . DG  A 1 3  ? 8.352   3.380   3.863   1.00 31.42 ? 3   DG  A "O5'" 1 
ATOM   46  C "C5'" . DG  A 1 3  ? 9.531   2.890   3.221   1.00 30.09 ? 3   DG  A "C5'" 1 
ATOM   47  C "C4'" . DG  A 1 3  ? 9.661   1.382   3.296   1.00 27.79 ? 3   DG  A "C4'" 1 
ATOM   48  O "O4'" . DG  A 1 3  ? 8.927   0.792   4.390   1.00 26.76 ? 3   DG  A "O4'" 1 
ATOM   49  C "C3'" . DG  A 1 3  ? 9.201   0.601   2.081   1.00 26.77 ? 3   DG  A "C3'" 1 
ATOM   50  O "O3'" . DG  A 1 3  ? 10.179  0.631   1.058   1.00 30.22 ? 3   DG  A "O3'" 1 
ATOM   51  C "C2'" . DG  A 1 3  ? 9.133   -0.802  2.636   1.00 24.67 ? 3   DG  A "C2'" 1 
ATOM   52  C "C1'" . DG  A 1 3  ? 8.680   -0.568  4.074   1.00 25.27 ? 3   DG  A "C1'" 1 
ATOM   53  N N9    . DG  A 1 3  ? 7.265   -0.850  4.285   1.00 22.37 ? 3   DG  A N9    1 
ATOM   54  C C8    . DG  A 1 3  ? 6.248   0.016   4.604   1.00 19.81 ? 3   DG  A C8    1 
ATOM   55  N N7    . DG  A 1 3  ? 5.088   -0.572  4.698   1.00 19.70 ? 3   DG  A N7    1 
ATOM   56  C C5    . DG  A 1 3  ? 5.358   -1.907  4.437   1.00 20.43 ? 3   DG  A C5    1 
ATOM   57  C C6    . DG  A 1 3  ? 4.497   -3.028  4.403   1.00 21.02 ? 3   DG  A C6    1 
ATOM   58  O O6    . DG  A 1 3  ? 3.282   -3.071  4.629   1.00 25.45 ? 3   DG  A O6    1 
ATOM   59  N N1    . DG  A 1 3  ? 5.186   -4.194  4.089   1.00 19.42 ? 3   DG  A N1    1 
ATOM   60  C C2    . DG  A 1 3  ? 6.535   -4.271  3.838   1.00 19.69 ? 3   DG  A C2    1 
ATOM   61  N N2    . DG  A 1 3  ? 7.021   -5.481  3.551   1.00 19.83 ? 3   DG  A N2    1 
ATOM   62  N N3    . DG  A 1 3  ? 7.341   -3.230  3.839   1.00 21.90 ? 3   DG  A N3    1 
ATOM   63  C C4    . DG  A 1 3  ? 6.694   -2.091  4.165   1.00 20.57 ? 3   DG  A C4    1 
ATOM   64  P P     . DC  A 1 4  ? 9.809   0.274   -0.469  1.00 33.68 ? 4   DC  A P     1 
ATOM   65  O OP1   . DC  A 1 4  ? 10.997  0.547   -1.283  1.00 35.66 ? 4   DC  A OP1   1 
ATOM   66  O OP2   . DC  A 1 4  ? 8.525   0.938   -0.810  1.00 31.73 ? 4   DC  A OP2   1 
ATOM   67  O "O5'" . DC  A 1 4  ? 9.695   -1.317  -0.484  1.00 31.58 ? 4   DC  A "O5'" 1 
ATOM   68  C "C5'" . DC  A 1 4  ? 10.841  -2.183  -0.512  1.00 29.40 ? 4   DC  A "C5'" 1 
ATOM   69  C "C4'" . DC  A 1 4  ? 10.398  -3.594  -0.812  1.00 29.56 ? 4   DC  A "C4'" 1 
ATOM   70  O "O4'" . DC  A 1 4  ? 9.594   -4.125  0.260   1.00 30.16 ? 4   DC  A "O4'" 1 
ATOM   71  C "C3'" . DC  A 1 4  ? 9.504   -3.726  -2.027  1.00 29.85 ? 4   DC  A "C3'" 1 
ATOM   72  O "O3'" . DC  A 1 4  ? 10.286  -3.713  -3.216  1.00 32.75 ? 4   DC  A "O3'" 1 
ATOM   73  C "C2'" . DC  A 1 4  ? 8.818   -5.043  -1.766  1.00 29.85 ? 4   DC  A "C2'" 1 
ATOM   74  C "C1'" . DC  A 1 4  ? 8.578   -4.958  -0.277  1.00 28.53 ? 4   DC  A "C1'" 1 
ATOM   75  N N1    . DC  A 1 4  ? 7.279   -4.394  0.108   1.00 26.04 ? 4   DC  A N1    1 
ATOM   76  C C2    . DC  A 1 4  ? 6.175   -5.250  0.184   1.00 25.50 ? 4   DC  A C2    1 
ATOM   77  O O2    . DC  A 1 4  ? 6.321   -6.447  -0.112  1.00 25.95 ? 4   DC  A O2    1 
ATOM   78  N N3    . DC  A 1 4  ? 4.987   -4.761  0.601   1.00 23.71 ? 4   DC  A N3    1 
ATOM   79  C C4    . DC  A 1 4  ? 4.873   -3.472  0.921   1.00 23.24 ? 4   DC  A C4    1 
ATOM   80  N N4    . DC  A 1 4  ? 3.677   -3.032  1.301   1.00 24.20 ? 4   DC  A N4    1 
ATOM   81  C C5    . DC  A 1 4  ? 5.971   -2.568  0.813   1.00 24.80 ? 4   DC  A C5    1 
ATOM   82  C C6    . DC  A 1 4  ? 7.149   -3.071  0.425   1.00 24.25 ? 4   DC  A C6    1 
ATOM   83  P P     . DA  A 1 5  ? 9.653   -3.208  -4.552  1.00 27.83 ? 5   DA  A P     1 
ATOM   84  O OP1   . DA  A 1 5  ? 10.682  -3.299  -5.545  1.00 34.27 ? 5   DA  A OP1   1 
ATOM   85  O OP2   . DA  A 1 5  ? 8.995   -1.933  -4.310  1.00 28.90 ? 5   DA  A OP2   1 
ATOM   86  O "O5'" . DA  A 1 5  ? 8.633   -4.366  -4.883  1.00 29.58 ? 5   DA  A "O5'" 1 
ATOM   87  C "C5'" . DA  A 1 5  ? 7.382   -4.080  -5.498  1.00 26.77 ? 5   DA  A "C5'" 1 
ATOM   88  C "C4'" . DA  A 1 5  ? 6.405   -5.200  -5.252  1.00 26.39 ? 5   DA  A "C4'" 1 
ATOM   89  O "O4'" . DA  A 1 5  ? 6.023   -5.212  -3.870  1.00 23.80 ? 5   DA  A "O4'" 1 
ATOM   90  C "C3'" . DA  A 1 5  ? 5.086   -5.030  -5.980  1.00 27.59 ? 5   DA  A "C3'" 1 
ATOM   91  O "O3'" . DA  A 1 5  ? 5.234   -5.385  -7.348  1.00 32.94 ? 5   DA  A "O3'" 1 
ATOM   92  C "C2'" . DA  A 1 5  ? 4.167   -5.923  -5.179  1.00 25.28 ? 5   DA  A "C2'" 1 
ATOM   93  C "C1'" . DA  A 1 5  ? 4.690   -5.710  -3.765  1.00 22.73 ? 5   DA  A "C1'" 1 
ATOM   94  N N9    . DA  A 1 5  ? 3.925   -4.764  -2.975  1.00 19.82 ? 5   DA  A N9    1 
ATOM   95  C C8    . DA  A 1 5  ? 4.305   -3.509  -2.572  1.00 18.13 ? 5   DA  A C8    1 
ATOM   96  N N7    . DA  A 1 5  ? 3.402   -2.889  -1.861  1.00 17.45 ? 5   DA  A N7    1 
ATOM   97  C C5    . DA  A 1 5  ? 2.361   -3.802  -1.771  1.00 17.78 ? 5   DA  A C5    1 
ATOM   98  C C6    . DA  A 1 5  ? 1.113   -3.759  -1.120  1.00 18.68 ? 5   DA  A C6    1 
ATOM   99  N N6    . DA  A 1 5  ? 0.684   -2.714  -0.406  1.00 20.94 ? 5   DA  A N6    1 
ATOM   100 N N1    . DA  A 1 5  ? 0.319   -4.842  -1.213  1.00 17.22 ? 5   DA  A N1    1 
ATOM   101 C C2    . DA  A 1 5  ? 0.744   -5.888  -1.934  1.00 16.87 ? 5   DA  A C2    1 
ATOM   102 N N3    . DA  A 1 5  ? 1.899   -6.054  -2.572  1.00 17.92 ? 5   DA  A N3    1 
ATOM   103 C C4    . DA  A 1 5  ? 2.664   -4.955  -2.466  1.00 18.35 ? 5   DA  A C4    1 
ATOM   104 P P     . DT  A 1 6  ? 4.418   -4.594  -8.458  1.00 32.77 ? 6   DT  A P     1 
ATOM   105 O OP1   . DT  A 1 6  ? 4.947   -5.054  -9.771  1.00 36.55 ? 6   DT  A OP1   1 
ATOM   106 O OP2   . DT  A 1 6  ? 4.422   -3.145  -8.117  1.00 30.60 ? 6   DT  A OP2   1 
ATOM   107 O "O5'" . DT  A 1 6  ? 2.946   -5.154  -8.251  1.00 32.32 ? 6   DT  A "O5'" 1 
ATOM   108 C "C5'" . DT  A 1 6  ? 2.642   -6.544  -8.441  1.00 31.82 ? 6   DT  A "C5'" 1 
ATOM   109 C "C4'" . DT  A 1 6  ? 1.190   -6.793  -8.111  1.00 34.03 ? 6   DT  A "C4'" 1 
ATOM   110 O "O4'" . DT  A 1 6  ? 0.987   -6.640  -6.696  1.00 32.94 ? 6   DT  A "O4'" 1 
ATOM   111 C "C3'" . DT  A 1 6  ? 0.196   -5.820  -8.737  1.00 33.14 ? 6   DT  A "C3'" 1 
ATOM   112 O "O3'" . DT  A 1 6  ? -0.165  -6.234  -10.049 1.00 32.24 ? 6   DT  A "O3'" 1 
ATOM   113 C "C2'" . DT  A 1 6  ? -0.979  -5.884  -7.782  1.00 31.30 ? 6   DT  A "C2'" 1 
ATOM   114 C "C1'" . DT  A 1 6  ? -0.314  -6.122  -6.442  1.00 30.46 ? 6   DT  A "C1'" 1 
ATOM   115 N N1    . DT  A 1 6  ? -0.156  -4.901  -5.655  1.00 29.61 ? 6   DT  A N1    1 
ATOM   116 C C2    . DT  A 1 6  ? -1.132  -4.599  -4.741  1.00 28.63 ? 6   DT  A C2    1 
ATOM   117 O O2    . DT  A 1 6  ? -2.113  -5.295  -4.560  1.00 32.75 ? 6   DT  A O2    1 
ATOM   118 N N3    . DT  A 1 6  ? -0.914  -3.450  -4.035  1.00 28.57 ? 6   DT  A N3    1 
ATOM   119 C C4    . DT  A 1 6  ? 0.150   -2.580  -4.167  1.00 30.21 ? 6   DT  A C4    1 
ATOM   120 O O4    . DT  A 1 6  ? 0.210   -1.574  -3.470  1.00 32.80 ? 6   DT  A O4    1 
ATOM   121 C C5    . DT  A 1 6  ? 1.137   -2.958  -5.145  1.00 28.66 ? 6   DT  A C5    1 
ATOM   122 C C7    . DT  A 1 6  ? 2.323   -2.073  -5.353  1.00 29.69 ? 6   DT  A C7    1 
ATOM   123 C C6    . DT  A 1 6  ? 0.941   -4.088  -5.830  1.00 28.56 ? 6   DT  A C6    1 
ATOM   124 P P     . DG  A 1 7  ? -0.534  -5.151  -11.108 1.00 35.03 ? 7   DG  A P     1 
ATOM   125 O OP1   . DG  A 1 7  ? -0.840  -5.849  -12.375 1.00 39.36 ? 7   DG  A OP1   1 
ATOM   126 O OP2   . DG  A 1 7  ? 0.441   -4.036  -11.032 1.00 30.73 ? 7   DG  A OP2   1 
ATOM   127 O "O5'" . DG  A 1 7  ? -1.768  -4.390  -10.481 1.00 33.38 ? 7   DG  A "O5'" 1 
ATOM   128 C "C5'" . DG  A 1 7  ? -3.076  -4.889  -10.609 1.00 33.58 ? 7   DG  A "C5'" 1 
ATOM   129 C "C4'" . DG  A 1 7  ? -3.962  -4.079  -9.697  1.00 34.77 ? 7   DG  A "C4'" 1 
ATOM   130 O "O4'" . DG  A 1 7  ? -3.331  -3.913  -8.409  1.00 33.65 ? 7   DG  A "O4'" 1 
ATOM   131 C "C3'" . DG  A 1 7  ? -4.228  -2.652  -10.159 1.00 32.97 ? 7   DG  A "C3'" 1 
ATOM   132 O "O3'" . DG  A 1 7  ? -5.362  -2.492  -11.004 1.00 31.69 ? 7   DG  A "O3'" 1 
ATOM   133 C "C2'" . DG  A 1 7  ? -4.577  -1.960  -8.857  1.00 33.62 ? 7   DG  A "C2'" 1 
ATOM   134 C "C1'" . DG  A 1 7  ? -4.033  -2.867  -7.762  1.00 31.00 ? 7   DG  A "C1'" 1 
ATOM   135 N N9    . DG  A 1 7  ? -3.111  -2.094  -6.949  1.00 27.58 ? 7   DG  A N9    1 
ATOM   136 C C8    . DG  A 1 7  ? -1.808  -1.749  -7.212  1.00 24.97 ? 7   DG  A C8    1 
ATOM   137 N N7    . DG  A 1 7  ? -1.318  -0.906  -6.345  1.00 24.42 ? 7   DG  A N7    1 
ATOM   138 C C5    . DG  A 1 7  ? -2.374  -0.657  -5.478  1.00 24.20 ? 7   DG  A C5    1 
ATOM   139 C C6    . DG  A 1 7  ? -2.462  0.210   -4.359  1.00 21.87 ? 7   DG  A C6    1 
ATOM   140 O O6    . DG  A 1 7  ? -1.579  0.901   -3.852  1.00 22.26 ? 7   DG  A O6    1 
ATOM   141 N N1    . DG  A 1 7  ? -3.738  0.199   -3.801  1.00 20.20 ? 7   DG  A N1    1 
ATOM   142 C C2    . DG  A 1 7  ? -4.802  -0.521  -4.283  1.00 20.41 ? 7   DG  A C2    1 
ATOM   143 N N2    . DG  A 1 7  ? -5.943  -0.408  -3.613  1.00 20.67 ? 7   DG  A N2    1 
ATOM   144 N N3    . DG  A 1 7  ? -4.736  -1.327  -5.327  1.00 22.35 ? 7   DG  A N3    1 
ATOM   145 C C4    . DG  A 1 7  ? -3.504  -1.338  -5.878  1.00 25.17 ? 7   DG  A C4    1 
ATOM   146 P P     . DC  A 1 8  ? -5.661  -1.075  -11.642 1.00 31.36 ? 8   DC  A P     1 
ATOM   147 O OP1   . DC  A 1 8  ? -6.318  -1.312  -12.934 1.00 38.74 ? 8   DC  A OP1   1 
ATOM   148 O OP2   . DC  A 1 8  ? -4.455  -0.252  -11.549 1.00 35.27 ? 8   DC  A OP2   1 
ATOM   149 O "O5'" . DC  A 1 8  ? -6.692  -0.379  -10.657 1.00 25.20 ? 8   DC  A "O5'" 1 
ATOM   150 C "C5'" . DC  A 1 8  ? -7.847  -1.065  -10.233 1.00 22.39 ? 8   DC  A "C5'" 1 
ATOM   151 C "C4'" . DC  A 1 8  ? -8.509  -0.342  -9.092  1.00 22.63 ? 8   DC  A "C4'" 1 
ATOM   152 O "O4'" . DC  A 1 8  ? -7.770  -0.478  -7.859  1.00 22.97 ? 8   DC  A "O4'" 1 
ATOM   153 C "C3'" . DC  A 1 8  ? -8.676  1.153   -9.280  1.00 22.81 ? 8   DC  A "C3'" 1 
ATOM   154 O "O3'" . DC  A 1 8  ? -9.910  1.365   -9.928  1.00 23.34 ? 8   DC  A "O3'" 1 
ATOM   155 C "C2'" . DC  A 1 8  ? -8.869  1.622   -7.857  1.00 22.13 ? 8   DC  A "C2'" 1 
ATOM   156 C "C1'" . DC  A 1 8  ? -7.924  0.721   -7.103  1.00 22.14 ? 8   DC  A "C1'" 1 
ATOM   157 N N1    . DC  A 1 8  ? -6.605  1.314   -6.906  1.00 20.97 ? 8   DC  A N1    1 
ATOM   158 C C2    . DC  A 1 8  ? -6.432  2.151   -5.808  1.00 19.97 ? 8   DC  A C2    1 
ATOM   159 O O2    . DC  A 1 8  ? -7.387  2.347   -5.051  1.00 19.02 ? 8   DC  A O2    1 
ATOM   160 N N3    . DC  A 1 8  ? -5.226  2.705   -5.582  1.00 20.60 ? 8   DC  A N3    1 
ATOM   161 C C4    . DC  A 1 8  ? -4.219  2.467   -6.418  1.00 19.60 ? 8   DC  A C4    1 
ATOM   162 N N4    . DC  A 1 8  ? -3.045  3.021   -6.141  1.00 20.04 ? 8   DC  A N4    1 
ATOM   163 C C5    . DC  A 1 8  ? -4.377  1.651   -7.574  1.00 19.14 ? 8   DC  A C5    1 
ATOM   164 C C6    . DC  A 1 8  ? -5.582  1.112   -7.787  1.00 18.47 ? 8   DC  A C6    1 
ATOM   165 P P     . DC  A 1 9  ? -10.211 2.685   -10.696 1.00 26.00 ? 9   DC  A P     1 
ATOM   166 O OP1   . DC  A 1 9  ? -11.480 2.484   -11.393 1.00 28.72 ? 9   DC  A OP1   1 
ATOM   167 O OP2   . DC  A 1 9  ? -8.997  3.169   -11.343 1.00 24.77 ? 9   DC  A OP2   1 
ATOM   168 O "O5'" . DC  A 1 9  ? -10.378 3.783   -9.565  1.00 24.15 ? 9   DC  A "O5'" 1 
ATOM   169 C "C5'" . DC  A 1 9  ? -11.521 3.881   -8.744  1.00 21.75 ? 9   DC  A "C5'" 1 
ATOM   170 C "C4'" . DC  A 1 9  ? -11.337 5.032   -7.791  1.00 21.50 ? 9   DC  A "C4'" 1 
ATOM   171 O "O4'" . DC  A 1 9  ? -10.268 4.745   -6.885  1.00 22.25 ? 9   DC  A "O4'" 1 
ATOM   172 C "C3'" . DC  A 1 9  ? -10.925 6.361   -8.391  1.00 23.82 ? 9   DC  A "C3'" 1 
ATOM   173 O "O3'" . DC  A 1 9  ? -12.029 7.054   -8.965  1.00 27.22 ? 9   DC  A "O3'" 1 
ATOM   174 C "C2'" . DC  A 1 9  ? -10.425 7.084   -7.155  1.00 23.51 ? 9   DC  A "C2'" 1 
ATOM   175 C "C1'" . DC  A 1 9  ? -9.719  5.970   -6.418  1.00 21.36 ? 9   DC  A "C1'" 1 
ATOM   176 N N1    . DC  A 1 9  ? -8.268  5.943   -6.637  1.00 20.23 ? 9   DC  A N1    1 
ATOM   177 C C2    . DC  A 1 9  ? -7.489  6.793   -5.869  1.00 20.35 ? 9   DC  A C2    1 
ATOM   178 O O2    . DC  A 1 9  ? -8.049  7.550   -5.068  1.00 21.13 ? 9   DC  A O2    1 
ATOM   179 N N3    . DC  A 1 9  ? -6.147  6.767   -6.010  1.00 21.39 ? 9   DC  A N3    1 
ATOM   180 C C4    . DC  A 1 9  ? -5.588  5.972   -6.927  1.00 19.84 ? 9   DC  A C4    1 
ATOM   181 N N4    . DC  A 1 9  ? -4.262  6.015   -7.066  1.00 19.75 ? 9   DC  A N4    1 
ATOM   182 C C5    . DC  A 1 9  ? -6.367  5.124   -7.756  1.00 18.08 ? 9   DC  A C5    1 
ATOM   183 C C6    . DC  A 1 9  ? -7.691  5.147   -7.584  1.00 19.09 ? 9   DC  A C6    1 
ATOM   184 P P     . DC  A 1 10 ? -11.805 8.289   -9.940  1.00 29.44 ? 10  DC  A P     1 
ATOM   185 O OP1   . DC  A 1 10 ? -13.162 8.750   -10.337 1.00 31.15 ? 10  DC  A OP1   1 
ATOM   186 O OP2   . DC  A 1 10 ? -10.818 7.919   -10.938 1.00 30.61 ? 10  DC  A OP2   1 
ATOM   187 O "O5'" . DC  A 1 10 ? -11.079 9.370   -9.035  1.00 27.32 ? 10  DC  A "O5'" 1 
ATOM   188 C "C5'" . DC  A 1 10 ? -11.855 10.200  -8.170  1.00 26.77 ? 10  DC  A "C5'" 1 
ATOM   189 C "C4'" . DC  A 1 10 ? -11.006 11.294  -7.570  1.00 25.68 ? 10  DC  A "C4'" 1 
ATOM   190 O "O4'" . DC  A 1 10 ? -9.883  10.723  -6.852  1.00 26.05 ? 10  DC  A "O4'" 1 
ATOM   191 C "C3'" . DC  A 1 10 ? -10.377 12.242  -8.576  1.00 24.14 ? 10  DC  A "C3'" 1 
ATOM   192 O "O3'" . DC  A 1 10 ? -11.291 13.242  -9.035  1.00 24.64 ? 10  DC  A "O3'" 1 
ATOM   193 C "C2'" . DC  A 1 10 ? -9.191  12.784  -7.798  1.00 24.41 ? 10  DC  A "C2'" 1 
ATOM   194 C "C1'" . DC  A 1 10 ? -8.790  11.620  -6.886  1.00 23.44 ? 10  DC  A "C1'" 1 
ATOM   195 N N1    . DC  A 1 10 ? -7.605  10.877  -7.332  1.00 21.68 ? 10  DC  A N1    1 
ATOM   196 C C2    . DC  A 1 10 ? -6.362  11.325  -6.910  1.00 22.03 ? 10  DC  A C2    1 
ATOM   197 O O2    . DC  A 1 10 ? -6.305  12.316  -6.164  1.00 25.69 ? 10  DC  A O2    1 
ATOM   198 N N3    . DC  A 1 10 ? -5.250  10.673  -7.311  1.00 21.20 ? 10  DC  A N3    1 
ATOM   199 C C4    . DC  A 1 10 ? -5.354  9.613   -8.111  1.00 20.28 ? 10  DC  A C4    1 
ATOM   200 N N4    . DC  A 1 10 ? -4.226  8.997   -8.476  1.00 18.88 ? 10  DC  A N4    1 
ATOM   201 C C5    . DC  A 1 10 ? -6.612  9.150   -8.585  1.00 19.36 ? 10  DC  A C5    1 
ATOM   202 C C6    . DC  A 1 10 ? -7.704  9.802   -8.171  1.00 20.46 ? 10  DC  A C6    1 
ATOM   203 O "O5'" . DG  B 1 1  ? 4.706   11.564  -3.964  1.00 42.49 ? 1   DG  B "O5'" 1 
ATOM   204 C "C5'" . DG  B 1 1  ? 4.871   12.940  -4.366  1.00 37.78 ? 1   DG  B "C5'" 1 
ATOM   205 C "C4'" . DG  B 1 1  ? 3.719   13.801  -3.894  1.00 35.95 ? 1   DG  B "C4'" 1 
ATOM   206 O "O4'" . DG  B 1 1  ? 2.960   14.255  -5.037  1.00 34.86 ? 1   DG  B "O4'" 1 
ATOM   207 C "C3'" . DG  B 1 1  ? 2.690   13.138  -2.981  1.00 36.77 ? 1   DG  B "C3'" 1 
ATOM   208 O "O3'" . DG  B 1 1  ? 3.049   13.141  -1.600  1.00 33.48 ? 1   DG  B "O3'" 1 
ATOM   209 C "C2'" . DG  B 1 1  ? 1.439   13.944  -3.276  1.00 35.18 ? 1   DG  B "C2'" 1 
ATOM   210 C "C1'" . DG  B 1 1  ? 1.564   14.143  -4.781  1.00 34.55 ? 1   DG  B "C1'" 1 
ATOM   211 N N9    . DG  B 1 1  ? 1.048   13.040  -5.597  1.00 33.02 ? 1   DG  B N9    1 
ATOM   212 C C8    . DG  B 1 1  ? 1.790   12.116  -6.289  1.00 30.14 ? 1   DG  B C8    1 
ATOM   213 N N7    . DG  B 1 1  ? 1.057   11.235  -6.912  1.00 30.21 ? 1   DG  B N7    1 
ATOM   214 C C5    . DG  B 1 1  ? -0.248  11.606  -6.624  1.00 27.93 ? 1   DG  B C5    1 
ATOM   215 C C6    . DG  B 1 1  ? -1.480  11.031  -7.035  1.00 27.38 ? 1   DG  B C6    1 
ATOM   216 O O6    . DG  B 1 1  ? -1.670  10.047  -7.773  1.00 24.67 ? 1   DG  B O6    1 
ATOM   217 N N1    . DG  B 1 1  ? -2.567  11.719  -6.506  1.00 26.34 ? 1   DG  B N1    1 
ATOM   218 C C2    . DG  B 1 1  ? -2.480  12.823  -5.688  1.00 28.30 ? 1   DG  B C2    1 
ATOM   219 N N2    . DG  B 1 1  ? -3.642  13.353  -5.274  1.00 29.59 ? 1   DG  B N2    1 
ATOM   220 N N3    . DG  B 1 1  ? -1.339  13.355  -5.287  1.00 30.05 ? 1   DG  B N3    1 
ATOM   221 C C4    . DG  B 1 1  ? -0.271  12.711  -5.803  1.00 29.94 ? 1   DG  B C4    1 
ATOM   222 P P     . DG  B 1 2  ? 2.400   12.087  -0.641  1.00 39.27 ? 2   DG  B P     1 
ATOM   223 O OP1   . DG  B 1 2  ? 2.823   12.385  0.741   1.00 49.12 ? 2   DG  B OP1   1 
ATOM   224 O OP2   . DG  B 1 2  ? 2.628   10.739  -1.186  1.00 40.41 ? 2   DG  B OP2   1 
ATOM   225 O "O5'" . DG  B 1 2  ? 0.843   12.392  -0.761  1.00 40.67 ? 2   DG  B "O5'" 1 
ATOM   226 C "C5'" . DG  B 1 2  ? 0.145   13.208  0.193   1.00 34.60 ? 2   DG  B "C5'" 1 
ATOM   227 C "C4'" . DG  B 1 2  ? -1.340  13.177  -0.084  1.00 31.41 ? 2   DG  B "C4'" 1 
ATOM   228 O "O4'" . DG  B 1 2  ? -1.621  13.194  -1.499  1.00 29.65 ? 2   DG  B "O4'" 1 
ATOM   229 C "C3'" . DG  B 1 2  ? -2.065  11.939  0.399   1.00 31.29 ? 2   DG  B "C3'" 1 
ATOM   230 O "O3'" . DG  B 1 2  ? -2.181  11.994  1.816   1.00 35.16 ? 2   DG  B "O3'" 1 
ATOM   231 C "C2'" . DG  B 1 2  ? -3.356  12.043  -0.380  1.00 27.72 ? 2   DG  B "C2'" 1 
ATOM   232 C "C1'" . DG  B 1 2  ? -2.806  12.435  -1.744  1.00 26.98 ? 2   DG  B "C1'" 1 
ATOM   233 N N9    . DG  B 1 2  ? -2.449  11.288  -2.578  1.00 23.59 ? 2   DG  B N9    1 
ATOM   234 C C8    . DG  B 1 2  ? -1.191  10.810  -2.860  1.00 21.72 ? 2   DG  B C8    1 
ATOM   235 N N7    . DG  B 1 2  ? -1.208  9.741   -3.609  1.00 21.33 ? 2   DG  B N7    1 
ATOM   236 C C5    . DG  B 1 2  ? -2.553  9.527   -3.872  1.00 20.67 ? 2   DG  B C5    1 
ATOM   237 C C6    . DG  B 1 2  ? -3.186  8.518   -4.625  1.00 20.33 ? 2   DG  B C6    1 
ATOM   238 O O6    . DG  B 1 2  ? -2.673  7.587   -5.246  1.00 23.42 ? 2   DG  B O6    1 
ATOM   239 N N1    . DG  B 1 2  ? -4.567  8.662   -4.616  1.00 20.67 ? 2   DG  B N1    1 
ATOM   240 C C2    . DG  B 1 2  ? -5.252  9.630   -3.941  1.00 20.80 ? 2   DG  B C2    1 
ATOM   241 N N2    . DG  B 1 2  ? -6.583  9.578   -4.035  1.00 21.01 ? 2   DG  B N2    1 
ATOM   242 N N3    . DG  B 1 2  ? -4.675  10.584  -3.231  1.00 21.28 ? 2   DG  B N3    1 
ATOM   243 C C4    . DG  B 1 2  ? -3.332  10.465  -3.233  1.00 21.21 ? 2   DG  B C4    1 
ATOM   244 P P     . DG  B 1 3  ? -2.287  10.672  2.665   1.00 34.00 ? 3   DG  B P     1 
ATOM   245 O OP1   . DG  B 1 3  ? -2.608  11.092  4.049   1.00 42.60 ? 3   DG  B OP1   1 
ATOM   246 O OP2   . DG  B 1 3  ? -1.101  9.814   2.375   1.00 36.12 ? 3   DG  B OP2   1 
ATOM   247 O "O5'" . DG  B 1 3  ? -3.557  9.913   2.090   1.00 31.38 ? 3   DG  B "O5'" 1 
ATOM   248 C "C5'" . DG  B 1 3  ? -4.859  10.195  2.609   1.00 28.55 ? 3   DG  B "C5'" 1 
ATOM   249 C "C4'" . DG  B 1 3  ? -5.914  9.432   1.845   1.00 26.80 ? 3   DG  B "C4'" 1 
ATOM   250 O "O4'" . DG  B 1 3  ? -5.748  9.533   0.414   1.00 26.39 ? 3   DG  B "O4'" 1 
ATOM   251 C "C3'" . DG  B 1 3  ? -5.895  7.937   2.073   1.00 25.41 ? 3   DG  B "C3'" 1 
ATOM   252 O "O3'" . DG  B 1 3  ? -6.365  7.574   3.351   1.00 25.36 ? 3   DG  B "O3'" 1 
ATOM   253 C "C2'" . DG  B 1 3  ? -6.793  7.477   0.947   1.00 25.26 ? 3   DG  B "C2'" 1 
ATOM   254 C "C1'" . DG  B 1 3  ? -6.258  8.330   -0.192  1.00 24.08 ? 3   DG  B "C1'" 1 
ATOM   255 N N9    . DG  B 1 3  ? -5.182  7.673   -0.937  1.00 21.27 ? 3   DG  B N9    1 
ATOM   256 C C8    . DG  B 1 3  ? -3.824  7.863   -0.836  1.00 20.23 ? 3   DG  B C8    1 
ATOM   257 N N7    . DG  B 1 3  ? -3.138  7.072   -1.618  1.00 22.03 ? 3   DG  B N7    1 
ATOM   258 C C5    . DG  B 1 3  ? -4.101  6.303   -2.260  1.00 20.06 ? 3   DG  B C5    1 
ATOM   259 C C6    . DG  B 1 3  ? -3.966  5.266   -3.230  1.00 19.39 ? 3   DG  B C6    1 
ATOM   260 O O6    . DG  B 1 3  ? -2.937  4.826   -3.751  1.00 18.22 ? 3   DG  B O6    1 
ATOM   261 N N1    . DG  B 1 3  ? -5.202  4.732   -3.581  1.00 19.32 ? 3   DG  B N1    1 
ATOM   262 C C2    . DG  B 1 3  ? -6.413  5.150   -3.087  1.00 20.30 ? 3   DG  B C2    1 
ATOM   263 N N2    . DG  B 1 3  ? -7.489  4.503   -3.535  1.00 20.52 ? 3   DG  B N2    1 
ATOM   264 N N3    . DG  B 1 3  ? -6.555  6.124   -2.208  1.00 19.83 ? 3   DG  B N3    1 
ATOM   265 C C4    . DG  B 1 3  ? -5.365  6.637   -1.824  1.00 20.46 ? 3   DG  B C4    1 
ATOM   266 P P     . DC  B 1 4  ? -5.869  6.239   3.992   1.00 27.05 ? 4   DC  B P     1 
ATOM   267 O OP1   . DC  B 1 4  ? -6.419  6.152   5.334   1.00 33.10 ? 4   DC  B OP1   1 
ATOM   268 O OP2   . DC  B 1 4  ? -4.438  6.112   3.742   1.00 28.43 ? 4   DC  B OP2   1 
ATOM   269 O "O5'" . DC  B 1 4  ? -6.548  5.111   3.107   1.00 26.40 ? 4   DC  B "O5'" 1 
ATOM   270 C "C5'" . DC  B 1 4  ? -7.961  4.928   3.092   1.00 24.80 ? 4   DC  B "C5'" 1 
ATOM   271 C "C4'" . DC  B 1 4  ? -8.276  3.839   2.106   1.00 23.45 ? 4   DC  B "C4'" 1 
ATOM   272 O "O4'" . DC  B 1 4  ? -7.752  4.196   0.824   1.00 24.42 ? 4   DC  B "O4'" 1 
ATOM   273 C "C3'" . DC  B 1 4  ? -7.575  2.529   2.362   1.00 24.38 ? 4   DC  B "C3'" 1 
ATOM   274 O "O3'" . DC  B 1 4  ? -8.104  1.851   3.476   1.00 26.82 ? 4   DC  B "O3'" 1 
ATOM   275 C "C2'" . DC  B 1 4  ? -7.834  1.846   1.042   1.00 25.25 ? 4   DC  B "C2'" 1 
ATOM   276 C "C1'" . DC  B 1 4  ? -7.550  2.987   0.087   1.00 23.63 ? 4   DC  B "C1'" 1 
ATOM   277 N N1    . DC  B 1 4  ? -6.169  2.951   -0.363  1.00 22.43 ? 4   DC  B N1    1 
ATOM   278 C C2    . DC  B 1 4  ? -5.826  1.961   -1.259  1.00 21.52 ? 4   DC  B C2    1 
ATOM   279 O O2    . DC  B 1 4  ? -6.715  1.225   -1.693  1.00 23.55 ? 4   DC  B O2    1 
ATOM   280 N N3    . DC  B 1 4  ? -4.550  1.864   -1.676  1.00 20.60 ? 4   DC  B N3    1 
ATOM   281 C C4    . DC  B 1 4  ? -3.622  2.667   -1.160  1.00 20.78 ? 4   DC  B C4    1 
ATOM   282 N N4    . DC  B 1 4  ? -2.375  2.543   -1.600  1.00 23.88 ? 4   DC  B N4    1 
ATOM   283 C C5    . DC  B 1 4  ? -3.934  3.640   -0.180  1.00 19.13 ? 4   DC  B C5    1 
ATOM   284 C C6    . DC  B 1 4  ? -5.208  3.749   0.186   1.00 20.10 ? 4   DC  B C6    1 
ATOM   285 P P     . DA  B 1 5  ? -7.314  0.666   4.159   1.00 28.30 ? 5   DA  B P     1 
ATOM   286 O OP1   . DA  B 1 5  ? -8.050  0.374   5.378   1.00 32.42 ? 5   DA  B OP1   1 
ATOM   287 O OP2   . DA  B 1 5  ? -5.879  0.972   4.184   1.00 27.65 ? 5   DA  B OP2   1 
ATOM   288 O "O5'" . DA  B 1 5  ? -7.570  -0.576  3.219   1.00 25.41 ? 5   DA  B "O5'" 1 
ATOM   289 C "C5'" . DA  B 1 5  ? -8.887  -1.096  3.170   1.00 26.00 ? 5   DA  B "C5'" 1 
ATOM   290 C "C4'" . DA  B 1 5  ? -8.960  -2.098  2.058   1.00 25.55 ? 5   DA  B "C4'" 1 
ATOM   291 O "O4'" . DA  B 1 5  ? -8.416  -1.495  0.883   1.00 26.37 ? 5   DA  B "O4'" 1 
ATOM   292 C "C3'" . DA  B 1 5  ? -8.082  -3.302  2.285   1.00 27.15 ? 5   DA  B "C3'" 1 
ATOM   293 O "O3'" . DA  B 1 5  ? -8.691  -4.177  3.219   1.00 30.30 ? 5   DA  B "O3'" 1 
ATOM   294 C "C2'" . DA  B 1 5  ? -7.901  -3.801  0.873   1.00 27.96 ? 5   DA  B "C2'" 1 
ATOM   295 C "C1'" . DA  B 1 5  ? -7.678  -2.478  0.159   1.00 27.22 ? 5   DA  B "C1'" 1 
ATOM   296 N N9    . DA  B 1 5  ? -6.285  -2.031  0.074   1.00 23.73 ? 5   DA  B N9    1 
ATOM   297 C C8    . DA  B 1 5  ? -5.607  -1.096  0.817   1.00 22.29 ? 5   DA  B C8    1 
ATOM   298 N N7    . DA  B 1 5  ? -4.363  -0.925  0.444   1.00 22.77 ? 5   DA  B N7    1 
ATOM   299 C C5    . DA  B 1 5  ? -4.223  -1.784  -0.638  1.00 24.20 ? 5   DA  B C5    1 
ATOM   300 C C6    . DA  B 1 5  ? -3.140  -2.072  -1.481  1.00 24.10 ? 5   DA  B C6    1 
ATOM   301 N N6    . DA  B 1 5  ? -1.939  -1.497  -1.364  1.00 23.75 ? 5   DA  B N6    1 
ATOM   302 N N1    . DA  B 1 5  ? -3.332  -2.986  -2.457  1.00 25.45 ? 5   DA  B N1    1 
ATOM   303 C C2    . DA  B 1 5  ? -4.530  -3.564  -2.571  1.00 26.27 ? 5   DA  B C2    1 
ATOM   304 N N3    . DA  B 1 5  ? -5.618  -3.391  -1.830  1.00 26.32 ? 5   DA  B N3    1 
ATOM   305 C C4    . DA  B 1 5  ? -5.398  -2.470  -0.876  1.00 23.97 ? 5   DA  B C4    1 
ATOM   306 P P     . DT  B 1 6  ? -7.789  -5.090  4.165   1.00 32.16 ? 6   DT  B P     1 
ATOM   307 O OP1   . DT  B 1 6  ? -8.718  -5.840  5.006   1.00 38.64 ? 6   DT  B OP1   1 
ATOM   308 O OP2   . DT  B 1 6  ? -6.701  -4.279  4.769   1.00 32.46 ? 6   DT  B OP2   1 
ATOM   309 O "O5'" . DT  B 1 6  ? -7.004  -6.037  3.156   1.00 29.72 ? 6   DT  B "O5'" 1 
ATOM   310 C "C5'" . DT  B 1 6  ? -7.653  -7.079  2.443   1.00 28.39 ? 6   DT  B "C5'" 1 
ATOM   311 C "C4'" . DT  B 1 6  ? -6.613  -7.840  1.668   1.00 26.78 ? 6   DT  B "C4'" 1 
ATOM   312 O "O4'" . DT  B 1 6  ? -6.012  -6.959  0.708   1.00 29.03 ? 6   DT  B "O4'" 1 
ATOM   313 C "C3'" . DT  B 1 6  ? -5.425  -8.326  2.467   1.00 28.79 ? 6   DT  B "C3'" 1 
ATOM   314 O "O3'" . DT  B 1 6  ? -5.672  -9.519  3.222   1.00 33.08 ? 6   DT  B "O3'" 1 
ATOM   315 C "C2'" . DT  B 1 6  ? -4.401  -8.534  1.371   1.00 28.67 ? 6   DT  B "C2'" 1 
ATOM   316 C "C1'" . DT  B 1 6  ? -4.658  -7.352  0.475   1.00 26.53 ? 6   DT  B "C1'" 1 
ATOM   317 N N1    . DT  B 1 6  ? -3.804  -6.189  0.747   1.00 25.96 ? 6   DT  B N1    1 
ATOM   318 C C2    . DT  B 1 6  ? -2.658  -5.999  0.005   1.00 25.07 ? 6   DT  B C2    1 
ATOM   319 O O2    . DT  B 1 6  ? -2.272  -6.786  -0.847  1.00 23.37 ? 6   DT  B O2    1 
ATOM   320 N N3    . DT  B 1 6  ? -1.966  -4.857  0.312   1.00 24.47 ? 6   DT  B N3    1 
ATOM   321 C C4    . DT  B 1 6  ? -2.287  -3.922  1.279   1.00 25.53 ? 6   DT  B C4    1 
ATOM   322 O O4    . DT  B 1 6  ? -1.558  -2.954  1.455   1.00 28.22 ? 6   DT  B O4    1 
ATOM   323 C C5    . DT  B 1 6  ? -3.503  -4.184  2.013   1.00 24.42 ? 6   DT  B C5    1 
ATOM   324 C C7    . DT  B 1 6  ? -3.933  -3.233  3.085   1.00 23.70 ? 6   DT  B C7    1 
ATOM   325 C C6    . DT  B 1 6  ? -4.192  -5.287  1.709   1.00 23.93 ? 6   DT  B C6    1 
ATOM   326 P P     . DG  B 1 7  ? -4.693  -9.924  4.415   1.00 32.22 ? 7   DG  B P     1 
ATOM   327 O OP1   . DG  B 1 7  ? -5.248  -11.111 5.071   1.00 34.66 ? 7   DG  B OP1   1 
ATOM   328 O OP2   . DG  B 1 7  ? -4.374  -8.701  5.212   1.00 28.95 ? 7   DG  B OP2   1 
ATOM   329 O "O5'" . DG  B 1 7  ? -3.366  -10.381 3.674   1.00 29.61 ? 7   DG  B "O5'" 1 
ATOM   330 C "C5'" . DG  B 1 7  ? -3.299  -11.606 2.944   1.00 30.22 ? 7   DG  B "C5'" 1 
ATOM   331 C "C4'" . DG  B 1 7  ? -1.941  -11.746 2.294   1.00 31.29 ? 7   DG  B "C4'" 1 
ATOM   332 O "O4'" . DG  B 1 7  ? -1.718  -10.664 1.363   1.00 32.83 ? 7   DG  B "O4'" 1 
ATOM   333 C "C3'" . DG  B 1 7  ? -0.734  -11.687 3.221   1.00 31.60 ? 7   DG  B "C3'" 1 
ATOM   334 O "O3'" . DG  B 1 7  ? -0.399  -12.933 3.828   1.00 33.21 ? 7   DG  B "O3'" 1 
ATOM   335 C "C2'" . DG  B 1 7  ? 0.375   -11.322 2.260   1.00 29.37 ? 7   DG  B "C2'" 1 
ATOM   336 C "C1'" . DG  B 1 7  ? -0.327  -10.355 1.344   1.00 28.81 ? 7   DG  B "C1'" 1 
ATOM   337 N N9    . DG  B 1 7  ? -0.148  -8.969  1.754   1.00 25.14 ? 7   DG  B N9    1 
ATOM   338 C C8    . DG  B 1 7  ? -0.969  -8.152  2.494   1.00 23.00 ? 7   DG  B C8    1 
ATOM   339 N N7    . DG  B 1 7  ? -0.484  -6.951  2.649   1.00 21.89 ? 7   DG  B N7    1 
ATOM   340 C C5    . DG  B 1 7  ? 0.711   -6.970  1.939   1.00 21.21 ? 7   DG  B C5    1 
ATOM   341 C C6    . DG  B 1 7  ? 1.682   -5.958  1.740   1.00 20.44 ? 7   DG  B C6    1 
ATOM   342 O O6    . DG  B 1 7  ? 1.671   -4.787  2.142   1.00 22.57 ? 7   DG  B O6    1 
ATOM   343 N N1    . DG  B 1 7  ? 2.770   -6.431  1.016   1.00 20.38 ? 7   DG  B N1    1 
ATOM   344 C C2    . DG  B 1 7  ? 2.889   -7.700  0.505   1.00 21.51 ? 7   DG  B C2    1 
ATOM   345 N N2    . DG  B 1 7  ? 4.002   -7.969  -0.191  1.00 22.82 ? 7   DG  B N2    1 
ATOM   346 N N3    . DG  B 1 7  ? 1.984   -8.640  0.663   1.00 22.00 ? 7   DG  B N3    1 
ATOM   347 C C4    . DG  B 1 7  ? 0.941   -8.218  1.408   1.00 22.93 ? 7   DG  B C4    1 
ATOM   348 P P     . DC  B 1 8  ? 0.056   -12.981 5.354   1.00 34.36 ? 8   DC  B P     1 
ATOM   349 O OP1   . DC  B 1 8  ? -0.116  -14.385 5.822   1.00 39.70 ? 8   DC  B OP1   1 
ATOM   350 O OP2   . DC  B 1 8  ? -0.569  -11.857 6.108   1.00 32.24 ? 8   DC  B OP2   1 
ATOM   351 O "O5'" . DC  B 1 8  ? 1.610   -12.672 5.296   1.00 31.46 ? 8   DC  B "O5'" 1 
ATOM   352 C "C5'" . DC  B 1 8  ? 2.478   -13.240 4.337   1.00 28.76 ? 8   DC  B "C5'" 1 
ATOM   353 C "C4'" . DC  B 1 8  ? 3.666   -12.325 4.154   1.00 28.48 ? 8   DC  B "C4'" 1 
ATOM   354 O "O4'" . DC  B 1 8  ? 3.288   -11.111 3.466   1.00 25.49 ? 8   DC  B "O4'" 1 
ATOM   355 C "C3'" . DC  B 1 8  ? 4.346   -11.839 5.428   1.00 28.33 ? 8   DC  B "C3'" 1 
ATOM   356 O "O3'" . DC  B 1 8  ? 5.250   -12.807 5.973   1.00 27.70 ? 8   DC  B "O3'" 1 
ATOM   357 C "C2'" . DC  B 1 8  ? 5.098   -10.630 4.918   1.00 28.37 ? 8   DC  B "C2'" 1 
ATOM   358 C "C1'" . DC  B 1 8  ? 4.224   -10.101 3.793   1.00 26.18 ? 8   DC  B "C1'" 1 
ATOM   359 N N1    . DC  B 1 8  ? 3.504   -8.902  4.206   1.00 23.34 ? 8   DC  B N1    1 
ATOM   360 C C2    . DC  B 1 8  ? 4.120   -7.672  3.989   1.00 24.38 ? 8   DC  B C2    1 
ATOM   361 O O2    . DC  B 1 8  ? 5.216   -7.648  3.410   1.00 28.57 ? 8   DC  B O2    1 
ATOM   362 N N3    . DC  B 1 8  ? 3.512   -6.540  4.410   1.00 21.46 ? 8   DC  B N3    1 
ATOM   363 C C4    . DC  B 1 8  ? 2.338   -6.610  5.035   1.00 20.59 ? 8   DC  B C4    1 
ATOM   364 N N4    . DC  B 1 8  ? 1.764   -5.466  5.404   1.00 20.05 ? 8   DC  B N4    1 
ATOM   365 C C5    . DC  B 1 8  ? 1.684   -7.853  5.273   1.00 20.87 ? 8   DC  B C5    1 
ATOM   366 C C6    . DC  B 1 8  ? 2.302   -8.967  4.852   1.00 22.08 ? 8   DC  B C6    1 
ATOM   367 P P     . DC  B 1 9  ? 6.074   -12.532 7.315   1.00 30.29 ? 9   DC  B P     1 
ATOM   368 O OP1   . DC  B 1 9  ? 6.969   -13.694 7.511   1.00 29.27 ? 9   DC  B OP1   1 
ATOM   369 O OP2   . DC  B 1 9  ? 5.193   -12.028 8.375   1.00 27.90 ? 9   DC  B OP2   1 
ATOM   370 O "O5'" . DC  B 1 9  ? 6.959   -11.252 6.983   1.00 29.84 ? 9   DC  B "O5'" 1 
ATOM   371 C "C5'" . DC  B 1 9  ? 8.331   -11.363 6.575   1.00 25.04 ? 9   DC  B "C5'" 1 
ATOM   372 C "C4'" . DC  B 1 9  ? 8.921   -9.998  6.319   1.00 22.37 ? 9   DC  B "C4'" 1 
ATOM   373 O "O4'" . DC  B 1 9  ? 7.963   -9.098  5.738   1.00 21.68 ? 9   DC  B "O4'" 1 
ATOM   374 C "C3'" . DC  B 1 9  ? 9.388   -9.265  7.553   1.00 22.34 ? 9   DC  B "C3'" 1 
ATOM   375 O "O3'" . DC  B 1 9  ? 10.619  -9.816  8.024   1.00 23.62 ? 9   DC  B "O3'" 1 
ATOM   376 C "C2'" . DC  B 1 9  ? 9.503   -7.853  7.020   1.00 21.77 ? 9   DC  B "C2'" 1 
ATOM   377 C "C1'" . DC  B 1 9  ? 8.311   -7.765  6.079   1.00 20.36 ? 9   DC  B "C1'" 1 
ATOM   378 N N1    . DC  B 1 9  ? 7.117   -7.110  6.655   1.00 20.12 ? 9   DC  B N1    1 
ATOM   379 C C2    . DC  B 1 9  ? 7.118   -5.724  6.774   1.00 19.17 ? 9   DC  B C2    1 
ATOM   380 O O2    . DC  B 1 9  ? 8.114   -5.094  6.392   1.00 18.44 ? 9   DC  B O2    1 
ATOM   381 N N3    . DC  B 1 9  ? 6.019   -5.100  7.270   1.00 17.93 ? 9   DC  B N3    1 
ATOM   382 C C4    . DC  B 1 9  ? 4.967   -5.816  7.659   1.00 17.87 ? 9   DC  B C4    1 
ATOM   383 N N4    . DC  B 1 9  ? 3.912   -5.162  8.144   1.00 18.22 ? 9   DC  B N4    1 
ATOM   384 C C5    . DC  B 1 9  ? 4.962   -7.235  7.596   1.00 18.67 ? 9   DC  B C5    1 
ATOM   385 C C6    . DC  B 1 9  ? 6.048   -7.837  7.093   1.00 20.02 ? 9   DC  B C6    1 
ATOM   386 P P     . DC  B 1 10 ? 11.127  -9.541  9.508   1.00 24.28 ? 10  DC  B P     1 
ATOM   387 O OP1   . DC  B 1 10 ? 12.333  -10.315 9.678   1.00 24.12 ? 10  DC  B OP1   1 
ATOM   388 O OP2   . DC  B 1 10 ? 10.024  -9.750  10.427  1.00 28.90 ? 10  DC  B OP2   1 
ATOM   389 O "O5'" . DC  B 1 10 ? 11.381  -7.968  9.546   1.00 23.79 ? 10  DC  B "O5'" 1 
ATOM   390 C "C5'" . DC  B 1 10 ? 12.597  -7.396  9.019   1.00 23.64 ? 10  DC  B "C5'" 1 
ATOM   391 C "C4'" . DC  B 1 10 ? 12.728  -5.940  9.408   1.00 25.31 ? 10  DC  B "C4'" 1 
ATOM   392 O "O4'" . DC  B 1 10 ? 11.604  -5.227  8.848   1.00 26.77 ? 10  DC  B "O4'" 1 
ATOM   393 C "C3'" . DC  B 1 10 ? 12.716  -5.630  10.911  1.00 24.91 ? 10  DC  B "C3'" 1 
ATOM   394 O "O3'" . DC  B 1 10 ? 14.024  -5.516  11.502  1.00 22.61 ? 10  DC  B "O3'" 1 
ATOM   395 C "C2'" . DC  B 1 10 ? 12.065  -4.260  10.982  1.00 24.03 ? 10  DC  B "C2'" 1 
ATOM   396 C "C1'" . DC  B 1 10 ? 11.200  -4.190  9.729   1.00 24.02 ? 10  DC  B "C1'" 1 
ATOM   397 N N1    . DC  B 1 10 ? 9.773   -4.349  9.996   1.00 22.00 ? 10  DC  B N1    1 
ATOM   398 C C2    . DC  B 1 10 ? 9.061   -3.200  10.304  1.00 23.64 ? 10  DC  B C2    1 
ATOM   399 O O2    . DC  B 1 10 ? 9.665   -2.111  10.309  1.00 26.81 ? 10  DC  B O2    1 
ATOM   400 N N3    . DC  B 1 10 ? 7.736   -3.291  10.569  1.00 21.45 ? 10  DC  B N3    1 
ATOM   401 C C4    . DC  B 1 10 ? 7.135   -4.481  10.543  1.00 20.94 ? 10  DC  B C4    1 
ATOM   402 N N4    . DC  B 1 10 ? 5.832   -4.523  10.804  1.00 23.50 ? 10  DC  B N4    1 
ATOM   403 C C5    . DC  B 1 10 ? 7.849   -5.680  10.259  1.00 20.19 ? 10  DC  B C5    1 
ATOM   404 C C6    . DC  B 1 10 ? 9.157   -5.570  10.005  1.00 20.02 ? 10  DC  B C6    1 
HETATM 405 O O     . HOH C 2 .  ? 1.113   -0.828  4.787   1.00 32.54 ? 101 HOH A O     1 
HETATM 406 O O     . HOH C 2 .  ? -13.181 12.095  -10.672 1.00 32.68 ? 102 HOH A O     1 
HETATM 407 O O     . HOH C 2 .  ? -3.142  4.589   -9.553  1.00 30.27 ? 103 HOH A O     1 
HETATM 408 O O     . HOH C 2 .  ? 4.479   1.706   -3.633  1.00 47.04 ? 104 HOH A O     1 
HETATM 409 O O     . HOH C 2 .  ? 9.897   -4.253  -8.524  1.00 38.18 ? 105 HOH A O     1 
HETATM 410 O O     . HOH C 2 .  ? 13.800  -0.043  -2.010  1.00 32.66 ? 106 HOH A O     1 
HETATM 411 O O     . HOH C 2 .  ? -10.221 9.101   -4.365  1.00 37.99 ? 107 HOH A O     1 
HETATM 412 O O     . HOH C 2 .  ? -11.263 5.815   -12.626 1.00 37.15 ? 108 HOH A O     1 
HETATM 413 O O     . HOH C 2 .  ? -10.425 -2.428  -12.439 1.00 41.68 ? 109 HOH A O     1 
HETATM 414 O O     . HOH C 2 .  ? -15.355 9.051   -7.311  1.00 30.42 ? 110 HOH A O     1 
HETATM 415 O O     . HOH C 2 .  ? -15.553 5.804   -9.975  1.00 34.65 ? 111 HOH A O     1 
HETATM 416 O O     . HOH C 2 .  ? -7.312  -3.888  -12.716 1.00 42.81 ? 112 HOH A O     1 
HETATM 417 O O     . HOH D 2 .  ? 10.504  0.306   8.018   1.00 32.76 ? 101 HOH B O     1 
HETATM 418 O O     . HOH D 2 .  ? -1.180  -0.794  3.570   1.00 27.21 ? 102 HOH B O     1 
HETATM 419 O O     . HOH D 2 .  ? -8.545  -0.302  -2.189  1.00 30.81 ? 103 HOH B O     1 
HETATM 420 O O     . HOH D 2 .  ? 2.171   -10.191 -1.147  1.00 28.94 ? 104 HOH B O     1 
HETATM 421 O O     . HOH D 2 .  ? 1.228   8.510   -3.992  1.00 44.58 ? 105 HOH B O     1 
HETATM 422 O O     . HOH D 2 .  ? 15.098  -3.791  10.422  1.00 32.56 ? 106 HOH B O     1 
HETATM 423 O O     . HOH D 2 .  ? -3.951  -6.048  5.489   1.00 30.14 ? 107 HOH B O     1 
HETATM 424 O O     . HOH D 2 .  ? 0.414   -2.999  3.634   1.00 25.99 ? 108 HOH B O     1 
HETATM 425 O O     . HOH D 2 .  ? 4.422   -7.200  11.106  1.00 34.30 ? 109 HOH B O     1 
HETATM 426 O O     . HOH D 2 .  ? 4.955   -10.929 13.017  1.00 37.29 ? 110 HOH B O     1 
# 
